data_1KOY
# 
_entry.id   1KOY 
# 
_audit_conform.dict_name       mmcif_pdbx.dic 
_audit_conform.dict_version    5.392 
_audit_conform.dict_location   http://mmcif.pdb.org/dictionaries/ascii/mmcif_pdbx.dic 
# 
loop_
_database_2.database_id 
_database_2.database_code 
_database_2.pdbx_database_accession 
_database_2.pdbx_DOI 
PDB   1KOY         pdb_00001koy 10.2210/pdb1koy/pdb 
RCSB  RCSB015185   ?            ?                   
WWPDB D_1000015185 ?            ?                   
# 
loop_
_pdbx_audit_revision_history.ordinal 
_pdbx_audit_revision_history.data_content_type 
_pdbx_audit_revision_history.major_revision 
_pdbx_audit_revision_history.minor_revision 
_pdbx_audit_revision_history.revision_date 
1 'Structure model' 1 0 2002-09-04 
2 'Structure model' 1 1 2008-04-27 
3 'Structure model' 1 2 2011-07-13 
4 'Structure model' 1 3 2022-02-23 
5 'Structure model' 1 4 2024-05-29 
# 
_pdbx_audit_revision_details.ordinal             1 
_pdbx_audit_revision_details.revision_ordinal    1 
_pdbx_audit_revision_details.data_content_type   'Structure model' 
_pdbx_audit_revision_details.provider            repository 
_pdbx_audit_revision_details.type                'Initial release' 
_pdbx_audit_revision_details.description         ? 
_pdbx_audit_revision_details.details             ? 
# 
loop_
_pdbx_audit_revision_group.ordinal 
_pdbx_audit_revision_group.revision_ordinal 
_pdbx_audit_revision_group.data_content_type 
_pdbx_audit_revision_group.group 
1 2 'Structure model' 'Version format compliance' 
2 3 'Structure model' 'Version format compliance' 
3 4 'Structure model' 'Database references'       
4 4 'Structure model' 'Derived calculations'      
5 5 'Structure model' 'Data collection'           
# 
loop_
_pdbx_audit_revision_category.ordinal 
_pdbx_audit_revision_category.revision_ordinal 
_pdbx_audit_revision_category.data_content_type 
_pdbx_audit_revision_category.category 
1 4 'Structure model' database_2            
2 4 'Structure model' pdbx_struct_assembly  
3 4 'Structure model' pdbx_struct_oper_list 
4 5 'Structure model' chem_comp_atom        
5 5 'Structure model' chem_comp_bond        
# 
loop_
_pdbx_audit_revision_item.ordinal 
_pdbx_audit_revision_item.revision_ordinal 
_pdbx_audit_revision_item.data_content_type 
_pdbx_audit_revision_item.item 
1 4 'Structure model' '_database_2.pdbx_DOI'                
2 4 'Structure model' '_database_2.pdbx_database_accession' 
# 
_pdbx_database_status.status_code                     REL 
_pdbx_database_status.entry_id                        1KOY 
_pdbx_database_status.recvd_initial_deposition_date   2001-12-25 
_pdbx_database_status.deposit_site                    RCSB 
_pdbx_database_status.process_site                    PDBJ 
_pdbx_database_status.status_code_mr                  REL 
_pdbx_database_status.SG_entry                        Y 
_pdbx_database_status.pdb_format_compatible           Y 
_pdbx_database_status.status_code_sf                  ? 
_pdbx_database_status.status_code_cs                  ? 
_pdbx_database_status.status_code_nmr_data            ? 
_pdbx_database_status.methods_development_category    ? 
# 
loop_
_pdbx_database_related.db_name 
_pdbx_database_related.db_id 
_pdbx_database_related.details 
_pdbx_database_related.content_type 
PDB      1IYR           '1IYR is NMR Structure ensemble of DFF-C Domain' unspecified 
BMRB     5408           '5408 is CHEMICAL SHIFT data'                    unspecified 
TargetDB trt001000163.1 .                                                unspecified 
# 
loop_
_audit_author.name 
_audit_author.pdbx_ordinal 
'Fukushima, K.'                                          1 
'Kikuchi, J.'                                            2 
'Koshiba, S.'                                            3 
'Kigawa, T.'                                             4 
'Kuroda, Y.'                                             5 
'Yokoyama, S.'                                           6 
'RIKEN Structural Genomics/Proteomics Initiative (RSGI)' 7 
# 
_citation.id                        primary 
_citation.title                     
'Solution structure of the DFF-C domain of DFF45/ICAD. A structural basis for the regulation of apoptotic DNA fragmentation.' 
_citation.journal_abbrev            J.Mol.Biol. 
_citation.journal_volume            321 
_citation.page_first                317 
_citation.page_last                 327 
_citation.year                      2002 
_citation.journal_id_ASTM           JMOBAK 
_citation.country                   UK 
_citation.journal_id_ISSN           0022-2836 
_citation.journal_id_CSD            0070 
_citation.book_publisher            ? 
_citation.pdbx_database_id_PubMed   12144788 
_citation.pdbx_database_id_DOI      '10.1016/S0022-2836(02)00588-0' 
# 
loop_
_citation_author.citation_id 
_citation_author.name 
_citation_author.ordinal 
_citation_author.identifier_ORCID 
primary 'Fukushima, K.' 1 ? 
primary 'Kikuchi, J.'   2 ? 
primary 'Koshiba, S.'   3 ? 
primary 'Kigawa, T.'    4 ? 
primary 'Kuroda, Y.'    5 ? 
primary 'Yokoyama, S.'  6 ? 
# 
_entity.id                         1 
_entity.type                       polymer 
_entity.src_method                 man 
_entity.pdbx_description           'DNA fragmentation factor alpha subunit' 
_entity.formula_weight             7009.962 
_entity.pdbx_number_of_molecules   1 
_entity.pdbx_ec                    ? 
_entity.pdbx_mutation              ? 
_entity.pdbx_fragment              'C-TERMINAL DOMAIN' 
_entity.details                    ? 
# 
_entity_name_com.entity_id   1 
_entity_name_com.name        'DFF-45, DFF-C' 
# 
_entity_poly.entity_id                      1 
_entity_poly.type                           'polypeptide(L)' 
_entity_poly.nstd_linkage                   no 
_entity_poly.nstd_monomer                   no 
_entity_poly.pdbx_seq_one_letter_code       SHILTALREKQAPELSLSSQDLELVTKEDPKALAVALNWDIKKTETVQEACERELALRLQQT 
_entity_poly.pdbx_seq_one_letter_code_can   SHILTALREKQAPELSLSSQDLELVTKEDPKALAVALNWDIKKTETVQEACERELALRLQQT 
_entity_poly.pdbx_strand_id                 A 
_entity_poly.pdbx_target_identifier         trt001000163.1 
# 
loop_
_entity_poly_seq.entity_id 
_entity_poly_seq.num 
_entity_poly_seq.mon_id 
_entity_poly_seq.hetero 
1 1  SER n 
1 2  HIS n 
1 3  ILE n 
1 4  LEU n 
1 5  THR n 
1 6  ALA n 
1 7  LEU n 
1 8  ARG n 
1 9  GLU n 
1 10 LYS n 
1 11 GLN n 
1 12 ALA n 
1 13 PRO n 
1 14 GLU n 
1 15 LEU n 
1 16 SER n 
1 17 LEU n 
1 18 SER n 
1 19 SER n 
1 20 GLN n 
1 21 ASP n 
1 22 LEU n 
1 23 GLU n 
1 24 LEU n 
1 25 VAL n 
1 26 THR n 
1 27 LYS n 
1 28 GLU n 
1 29 ASP n 
1 30 PRO n 
1 31 LYS n 
1 32 ALA n 
1 33 LEU n 
1 34 ALA n 
1 35 VAL n 
1 36 ALA n 
1 37 LEU n 
1 38 ASN n 
1 39 TRP n 
1 40 ASP n 
1 41 ILE n 
1 42 LYS n 
1 43 LYS n 
1 44 THR n 
1 45 GLU n 
1 46 THR n 
1 47 VAL n 
1 48 GLN n 
1 49 GLU n 
1 50 ALA n 
1 51 CYS n 
1 52 GLU n 
1 53 ARG n 
1 54 GLU n 
1 55 LEU n 
1 56 ALA n 
1 57 LEU n 
1 58 ARG n 
1 59 LEU n 
1 60 GLN n 
1 61 GLN n 
1 62 THR n 
# 
_entity_src_gen.entity_id                          1 
_entity_src_gen.pdbx_src_id                        1 
_entity_src_gen.pdbx_alt_source_flag               sample 
_entity_src_gen.pdbx_seq_type                      ? 
_entity_src_gen.pdbx_beg_seq_num                   ? 
_entity_src_gen.pdbx_end_seq_num                   ? 
_entity_src_gen.gene_src_common_name               human 
_entity_src_gen.gene_src_genus                     Homo 
_entity_src_gen.pdbx_gene_src_gene                 ? 
_entity_src_gen.gene_src_species                   ? 
_entity_src_gen.gene_src_strain                    ? 
_entity_src_gen.gene_src_tissue                    ? 
_entity_src_gen.gene_src_tissue_fraction           ? 
_entity_src_gen.gene_src_details                   ? 
_entity_src_gen.pdbx_gene_src_fragment             ? 
_entity_src_gen.pdbx_gene_src_scientific_name      'Homo sapiens' 
_entity_src_gen.pdbx_gene_src_ncbi_taxonomy_id     9606 
_entity_src_gen.pdbx_gene_src_variant              ? 
_entity_src_gen.pdbx_gene_src_cell_line            ? 
_entity_src_gen.pdbx_gene_src_atcc                 ? 
_entity_src_gen.pdbx_gene_src_organ                ? 
_entity_src_gen.pdbx_gene_src_organelle            ? 
_entity_src_gen.pdbx_gene_src_cell                 ? 
_entity_src_gen.pdbx_gene_src_cellular_location    ? 
_entity_src_gen.host_org_common_name               ? 
_entity_src_gen.pdbx_host_org_scientific_name      'Escherichia coli' 
_entity_src_gen.pdbx_host_org_ncbi_taxonomy_id     562 
_entity_src_gen.host_org_genus                     Escherichia 
_entity_src_gen.pdbx_host_org_gene                 ? 
_entity_src_gen.pdbx_host_org_organ                ? 
_entity_src_gen.host_org_species                   ? 
_entity_src_gen.pdbx_host_org_tissue               ? 
_entity_src_gen.pdbx_host_org_tissue_fraction      ? 
_entity_src_gen.pdbx_host_org_strain               ? 
_entity_src_gen.pdbx_host_org_variant              ? 
_entity_src_gen.pdbx_host_org_cell_line            ? 
_entity_src_gen.pdbx_host_org_atcc                 ? 
_entity_src_gen.pdbx_host_org_culture_collection   ? 
_entity_src_gen.pdbx_host_org_cell                 ? 
_entity_src_gen.pdbx_host_org_organelle            ? 
_entity_src_gen.pdbx_host_org_cellular_location    ? 
_entity_src_gen.pdbx_host_org_vector_type          ? 
_entity_src_gen.pdbx_host_org_vector               ? 
_entity_src_gen.host_org_details                   ? 
_entity_src_gen.expression_system_id               ? 
_entity_src_gen.plasmid_name                       ? 
_entity_src_gen.plasmid_details                    ? 
_entity_src_gen.pdbx_description                   ? 
# 
loop_
_chem_comp.id 
_chem_comp.type 
_chem_comp.mon_nstd_flag 
_chem_comp.name 
_chem_comp.pdbx_synonyms 
_chem_comp.formula 
_chem_comp.formula_weight 
ALA 'L-peptide linking' y ALANINE         ? 'C3 H7 N O2'     89.093  
ARG 'L-peptide linking' y ARGININE        ? 'C6 H15 N4 O2 1' 175.209 
ASN 'L-peptide linking' y ASPARAGINE      ? 'C4 H8 N2 O3'    132.118 
ASP 'L-peptide linking' y 'ASPARTIC ACID' ? 'C4 H7 N O4'     133.103 
CYS 'L-peptide linking' y CYSTEINE        ? 'C3 H7 N O2 S'   121.158 
GLN 'L-peptide linking' y GLUTAMINE       ? 'C5 H10 N2 O3'   146.144 
GLU 'L-peptide linking' y 'GLUTAMIC ACID' ? 'C5 H9 N O4'     147.129 
HIS 'L-peptide linking' y HISTIDINE       ? 'C6 H10 N3 O2 1' 156.162 
ILE 'L-peptide linking' y ISOLEUCINE      ? 'C6 H13 N O2'    131.173 
LEU 'L-peptide linking' y LEUCINE         ? 'C6 H13 N O2'    131.173 
LYS 'L-peptide linking' y LYSINE          ? 'C6 H15 N2 O2 1' 147.195 
PRO 'L-peptide linking' y PROLINE         ? 'C5 H9 N O2'     115.130 
SER 'L-peptide linking' y SERINE          ? 'C3 H7 N O3'     105.093 
THR 'L-peptide linking' y THREONINE       ? 'C4 H9 N O3'     119.119 
TRP 'L-peptide linking' y TRYPTOPHAN      ? 'C11 H12 N2 O2'  204.225 
VAL 'L-peptide linking' y VALINE          ? 'C5 H11 N O2'    117.146 
# 
loop_
_pdbx_poly_seq_scheme.asym_id 
_pdbx_poly_seq_scheme.entity_id 
_pdbx_poly_seq_scheme.seq_id 
_pdbx_poly_seq_scheme.mon_id 
_pdbx_poly_seq_scheme.ndb_seq_num 
_pdbx_poly_seq_scheme.pdb_seq_num 
_pdbx_poly_seq_scheme.auth_seq_num 
_pdbx_poly_seq_scheme.pdb_mon_id 
_pdbx_poly_seq_scheme.auth_mon_id 
_pdbx_poly_seq_scheme.pdb_strand_id 
_pdbx_poly_seq_scheme.pdb_ins_code 
_pdbx_poly_seq_scheme.hetero 
A 1 1  SER 1  239 239 SER SER A . n 
A 1 2  HIS 2  240 240 HIS HIS A . n 
A 1 3  ILE 3  241 241 ILE ILE A . n 
A 1 4  LEU 4  242 242 LEU LEU A . n 
A 1 5  THR 5  243 243 THR THR A . n 
A 1 6  ALA 6  244 244 ALA ALA A . n 
A 1 7  LEU 7  245 245 LEU LEU A . n 
A 1 8  ARG 8  246 246 ARG ARG A . n 
A 1 9  GLU 9  247 247 GLU GLU A . n 
A 1 10 LYS 10 248 248 LYS LYS A . n 
A 1 11 GLN 11 249 249 GLN GLN A . n 
A 1 12 ALA 12 250 250 ALA ALA A . n 
A 1 13 PRO 13 251 251 PRO PRO A . n 
A 1 14 GLU 14 252 252 GLU GLU A . n 
A 1 15 LEU 15 253 253 LEU LEU A . n 
A 1 16 SER 16 254 254 SER SER A . n 
A 1 17 LEU 17 255 255 LEU LEU A . n 
A 1 18 SER 18 256 256 SER SER A . n 
A 1 19 SER 19 257 257 SER SER A . n 
A 1 20 GLN 20 258 258 GLN GLN A . n 
A 1 21 ASP 21 259 259 ASP ASP A . n 
A 1 22 LEU 22 260 260 LEU LEU A . n 
A 1 23 GLU 23 261 261 GLU GLU A . n 
A 1 24 LEU 24 262 262 LEU LEU A . n 
A 1 25 VAL 25 263 263 VAL VAL A . n 
A 1 26 THR 26 264 264 THR THR A . n 
A 1 27 LYS 27 265 265 LYS LYS A . n 
A 1 28 GLU 28 266 266 GLU GLU A . n 
A 1 29 ASP 29 267 267 ASP ASP A . n 
A 1 30 PRO 30 268 268 PRO PRO A . n 
A 1 31 LYS 31 269 269 LYS LYS A . n 
A 1 32 ALA 32 270 270 ALA ALA A . n 
A 1 33 LEU 33 271 271 LEU LEU A . n 
A 1 34 ALA 34 272 272 ALA ALA A . n 
A 1 35 VAL 35 273 273 VAL VAL A . n 
A 1 36 ALA 36 274 274 ALA ALA A . n 
A 1 37 LEU 37 275 275 LEU LEU A . n 
A 1 38 ASN 38 276 276 ASN ASN A . n 
A 1 39 TRP 39 277 277 TRP TRP A . n 
A 1 40 ASP 40 278 278 ASP ASP A . n 
A 1 41 ILE 41 279 279 ILE ILE A . n 
A 1 42 LYS 42 280 280 LYS LYS A . n 
A 1 43 LYS 43 281 281 LYS LYS A . n 
A 1 44 THR 44 282 282 THR THR A . n 
A 1 45 GLU 45 283 283 GLU GLU A . n 
A 1 46 THR 46 284 284 THR THR A . n 
A 1 47 VAL 47 285 285 VAL VAL A . n 
A 1 48 GLN 48 286 286 GLN GLN A . n 
A 1 49 GLU 49 287 287 GLU GLU A . n 
A 1 50 ALA 50 288 288 ALA ALA A . n 
A 1 51 CYS 51 289 289 CYS CYS A . n 
A 1 52 GLU 52 290 290 GLU GLU A . n 
A 1 53 ARG 53 291 291 ARG ARG A . n 
A 1 54 GLU 54 292 292 GLU GLU A . n 
A 1 55 LEU 55 293 293 LEU LEU A . n 
A 1 56 ALA 56 294 294 ALA ALA A . n 
A 1 57 LEU 57 295 295 LEU LEU A . n 
A 1 58 ARG 58 296 296 ARG ARG A . n 
A 1 59 LEU 59 297 297 LEU LEU A . n 
A 1 60 GLN 60 298 298 GLN GLN A . n 
A 1 61 GLN 61 299 299 GLN GLN A . n 
A 1 62 THR 62 300 300 THR THR A . n 
# 
_exptl.entry_id          1KOY 
_exptl.method            'SOLUTION NMR' 
_exptl.crystals_number   ? 
# 
_exptl_crystal.id                    1 
_exptl_crystal.density_meas          ? 
_exptl_crystal.density_Matthews      ? 
_exptl_crystal.density_percent_sol   ? 
_exptl_crystal.description           ? 
# 
_diffrn.id                     1 
_diffrn.crystal_id             1 
_diffrn.ambient_temp           ? 
_diffrn.ambient_temp_details   ? 
# 
_diffrn_radiation.diffrn_id                        1 
_diffrn_radiation.wavelength_id                    1 
_diffrn_radiation.pdbx_monochromatic_or_laue_m_l   M 
_diffrn_radiation.monochromator                    ? 
_diffrn_radiation.pdbx_diffrn_protocol             'SINGLE WAVELENGTH' 
_diffrn_radiation.pdbx_scattering_type             ? 
# 
_diffrn_radiation_wavelength.id           1 
_diffrn_radiation_wavelength.wavelength   . 
_diffrn_radiation_wavelength.wt           1.0 
# 
_struct.entry_id                  1KOY 
_struct.title                     'NMR structure of DFF-C domain' 
_struct.pdbx_model_details        ? 
_struct.pdbx_CASP_flag            ? 
_struct.pdbx_model_type_details   ? 
# 
_struct_keywords.entry_id        1KOY 
_struct_keywords.pdbx_keywords   APOPTOSIS 
_struct_keywords.text            'DFF, Apoptosis, RIKEN Structural Genomics/Proteomics Initiative, RSGI, Structural Genomics' 
# 
_struct_asym.id                            A 
_struct_asym.pdbx_blank_PDB_chainid_flag   N 
_struct_asym.pdbx_modified                 N 
_struct_asym.entity_id                     1 
_struct_asym.details                       ? 
# 
_struct_ref.id                         1 
_struct_ref.db_name                    UNP 
_struct_ref.db_code                    DFFA_HUMAN 
_struct_ref.entity_id                  1 
_struct_ref.pdbx_seq_one_letter_code   SHILTALREKQAPELSLSSQDLELVTKEDPKALAVALNWDIKKTETVQEACERELALRLQQT 
_struct_ref.pdbx_align_begin           239 
_struct_ref.pdbx_db_accession          O00273 
_struct_ref.pdbx_db_isoform            ? 
# 
_struct_ref_seq.align_id                      1 
_struct_ref_seq.ref_id                        1 
_struct_ref_seq.pdbx_PDB_id_code              1KOY 
_struct_ref_seq.pdbx_strand_id                A 
_struct_ref_seq.seq_align_beg                 1 
_struct_ref_seq.pdbx_seq_align_beg_ins_code   ? 
_struct_ref_seq.seq_align_end                 62 
_struct_ref_seq.pdbx_seq_align_end_ins_code   ? 
_struct_ref_seq.pdbx_db_accession             O00273 
_struct_ref_seq.db_align_beg                  239 
_struct_ref_seq.pdbx_db_align_beg_ins_code    ? 
_struct_ref_seq.db_align_end                  300 
_struct_ref_seq.pdbx_db_align_end_ins_code    ? 
_struct_ref_seq.pdbx_auth_seq_align_beg       239 
_struct_ref_seq.pdbx_auth_seq_align_end       300 
# 
_pdbx_struct_assembly.id                   1 
_pdbx_struct_assembly.details              author_defined_assembly 
_pdbx_struct_assembly.method_details       ? 
_pdbx_struct_assembly.oligomeric_details   monomeric 
_pdbx_struct_assembly.oligomeric_count     1 
# 
_pdbx_struct_assembly_gen.assembly_id       1 
_pdbx_struct_assembly_gen.oper_expression   1 
_pdbx_struct_assembly_gen.asym_id_list      A 
# 
_pdbx_struct_oper_list.id                   1 
_pdbx_struct_oper_list.type                 'identity operation' 
_pdbx_struct_oper_list.name                 1_555 
_pdbx_struct_oper_list.symmetry_operation   x,y,z 
_pdbx_struct_oper_list.matrix[1][1]         1.0000000000 
_pdbx_struct_oper_list.matrix[1][2]         0.0000000000 
_pdbx_struct_oper_list.matrix[1][3]         0.0000000000 
_pdbx_struct_oper_list.vector[1]            0.0000000000 
_pdbx_struct_oper_list.matrix[2][1]         0.0000000000 
_pdbx_struct_oper_list.matrix[2][2]         1.0000000000 
_pdbx_struct_oper_list.matrix[2][3]         0.0000000000 
_pdbx_struct_oper_list.vector[2]            0.0000000000 
_pdbx_struct_oper_list.matrix[3][1]         0.0000000000 
_pdbx_struct_oper_list.matrix[3][2]         0.0000000000 
_pdbx_struct_oper_list.matrix[3][3]         1.0000000000 
_pdbx_struct_oper_list.vector[3]            0.0000000000 
# 
_struct_biol.id   1 
# 
loop_
_struct_conf.conf_type_id 
_struct_conf.id 
_struct_conf.pdbx_PDB_helix_id 
_struct_conf.beg_label_comp_id 
_struct_conf.beg_label_asym_id 
_struct_conf.beg_label_seq_id 
_struct_conf.pdbx_beg_PDB_ins_code 
_struct_conf.end_label_comp_id 
_struct_conf.end_label_asym_id 
_struct_conf.end_label_seq_id 
_struct_conf.pdbx_end_PDB_ins_code 
_struct_conf.beg_auth_comp_id 
_struct_conf.beg_auth_asym_id 
_struct_conf.beg_auth_seq_id 
_struct_conf.end_auth_comp_id 
_struct_conf.end_auth_asym_id 
_struct_conf.end_auth_seq_id 
_struct_conf.pdbx_PDB_helix_class 
_struct_conf.details 
_struct_conf.pdbx_PDB_helix_length 
HELX_P HELX_P1 1 SER A 1  ? ARG A 8  ? SER A 239 ARG A 246 1 ? 8  
HELX_P HELX_P2 2 SER A 18 ? LYS A 27 ? SER A 256 LYS A 265 1 ? 10 
HELX_P HELX_P3 3 ASP A 29 ? LEU A 37 ? ASP A 267 LEU A 275 1 ? 9  
HELX_P HELX_P4 4 ASP A 40 ? GLN A 61 ? ASP A 278 GLN A 299 1 ? 22 
# 
_struct_conf_type.id          HELX_P 
_struct_conf_type.criteria    ? 
_struct_conf_type.reference   ? 
# 
_pdbx_validate_close_contact.id               1 
_pdbx_validate_close_contact.PDB_model_num    1 
_pdbx_validate_close_contact.auth_atom_id_1   O 
_pdbx_validate_close_contact.auth_asym_id_1   A 
_pdbx_validate_close_contact.auth_comp_id_1   ASP 
_pdbx_validate_close_contact.auth_seq_id_1    278 
_pdbx_validate_close_contact.PDB_ins_code_1   ? 
_pdbx_validate_close_contact.label_alt_id_1   ? 
_pdbx_validate_close_contact.auth_atom_id_2   H 
_pdbx_validate_close_contact.auth_asym_id_2   A 
_pdbx_validate_close_contact.auth_comp_id_2   THR 
_pdbx_validate_close_contact.auth_seq_id_2    282 
_pdbx_validate_close_contact.PDB_ins_code_2   ? 
_pdbx_validate_close_contact.label_alt_id_2   ? 
_pdbx_validate_close_contact.dist             1.57 
# 
loop_
_pdbx_validate_torsion.id 
_pdbx_validate_torsion.PDB_model_num 
_pdbx_validate_torsion.auth_comp_id 
_pdbx_validate_torsion.auth_asym_id 
_pdbx_validate_torsion.auth_seq_id 
_pdbx_validate_torsion.PDB_ins_code 
_pdbx_validate_torsion.label_alt_id 
_pdbx_validate_torsion.phi 
_pdbx_validate_torsion.psi 
1 1 GLU A 247 ? ? -122.82 -79.01  
2 1 PRO A 251 ? ? -89.04  33.07   
3 1 GLU A 252 ? ? -111.25 -70.45  
4 1 SER A 256 ? ? -105.31 -159.94 
5 1 ASN A 276 ? ? -31.55  88.04   
# 
_pdbx_SG_project.id                    1 
_pdbx_SG_project.project_name          ? 
_pdbx_SG_project.full_name_of_center   'RIKEN Structural Genomics/Proteomics Initiative' 
_pdbx_SG_project.initial_of_center     RSGI 
# 
_pdbx_nmr_ensemble.entry_id                                      1KOY 
_pdbx_nmr_ensemble.conformers_calculated_total_number            10 
_pdbx_nmr_ensemble.conformers_submitted_total_number             1 
_pdbx_nmr_ensemble.conformer_selection_criteria                  'structures with the lowest energy' 
_pdbx_nmr_ensemble.average_constraints_per_residue               ? 
_pdbx_nmr_ensemble.average_constraint_violations_per_residue     ? 
_pdbx_nmr_ensemble.maximum_distance_constraint_violation         ? 
_pdbx_nmr_ensemble.average_distance_constraint_violation         ? 
_pdbx_nmr_ensemble.maximum_upper_distance_constraint_violation   ? 
_pdbx_nmr_ensemble.maximum_lower_distance_constraint_violation   ? 
_pdbx_nmr_ensemble.distance_constraint_violation_method          ? 
_pdbx_nmr_ensemble.maximum_torsion_angle_constraint_violation    ? 
_pdbx_nmr_ensemble.average_torsion_angle_constraint_violation    ? 
_pdbx_nmr_ensemble.torsion_angle_constraint_violation_method     ? 
# 
_pdbx_nmr_sample_details.solution_id      1 
_pdbx_nmr_sample_details.contents         'U-13C, 15N' 
_pdbx_nmr_sample_details.solvent_system   ? 
# 
_pdbx_nmr_exptl_sample_conditions.conditions_id       1 
_pdbx_nmr_exptl_sample_conditions.temperature         298.00 
_pdbx_nmr_exptl_sample_conditions.pressure            ? 
_pdbx_nmr_exptl_sample_conditions.pressure_units      ? 
_pdbx_nmr_exptl_sample_conditions.pH                  6.50 
_pdbx_nmr_exptl_sample_conditions.ionic_strength      ? 
_pdbx_nmr_exptl_sample_conditions.temperature_units   K 
# 
_pdbx_nmr_refine.entry_id           1KOY 
_pdbx_nmr_refine.method             'simulated annealing' 
_pdbx_nmr_refine.details            ? 
_pdbx_nmr_refine.software_ordinal   1 
# 
loop_
_pdbx_nmr_software.name 
_pdbx_nmr_software.version 
_pdbx_nmr_software.classification 
_pdbx_nmr_software.authors 
_pdbx_nmr_software.ordinal 
CNS 1.0 'structure solution' ? 1 
CNS 1.0 refinement           ? 2 
# 
loop_
_chem_comp_atom.comp_id 
_chem_comp_atom.atom_id 
_chem_comp_atom.type_symbol 
_chem_comp_atom.pdbx_aromatic_flag 
_chem_comp_atom.pdbx_stereo_config 
_chem_comp_atom.pdbx_ordinal 
ALA N    N N N 1   
ALA CA   C N S 2   
ALA C    C N N 3   
ALA O    O N N 4   
ALA CB   C N N 5   
ALA OXT  O N N 6   
ALA H    H N N 7   
ALA H2   H N N 8   
ALA HA   H N N 9   
ALA HB1  H N N 10  
ALA HB2  H N N 11  
ALA HB3  H N N 12  
ALA HXT  H N N 13  
ARG N    N N N 14  
ARG CA   C N S 15  
ARG C    C N N 16  
ARG O    O N N 17  
ARG CB   C N N 18  
ARG CG   C N N 19  
ARG CD   C N N 20  
ARG NE   N N N 21  
ARG CZ   C N N 22  
ARG NH1  N N N 23  
ARG NH2  N N N 24  
ARG OXT  O N N 25  
ARG H    H N N 26  
ARG H2   H N N 27  
ARG HA   H N N 28  
ARG HB2  H N N 29  
ARG HB3  H N N 30  
ARG HG2  H N N 31  
ARG HG3  H N N 32  
ARG HD2  H N N 33  
ARG HD3  H N N 34  
ARG HE   H N N 35  
ARG HH11 H N N 36  
ARG HH12 H N N 37  
ARG HH21 H N N 38  
ARG HH22 H N N 39  
ARG HXT  H N N 40  
ASN N    N N N 41  
ASN CA   C N S 42  
ASN C    C N N 43  
ASN O    O N N 44  
ASN CB   C N N 45  
ASN CG   C N N 46  
ASN OD1  O N N 47  
ASN ND2  N N N 48  
ASN OXT  O N N 49  
ASN H    H N N 50  
ASN H2   H N N 51  
ASN HA   H N N 52  
ASN HB2  H N N 53  
ASN HB3  H N N 54  
ASN HD21 H N N 55  
ASN HD22 H N N 56  
ASN HXT  H N N 57  
ASP N    N N N 58  
ASP CA   C N S 59  
ASP C    C N N 60  
ASP O    O N N 61  
ASP CB   C N N 62  
ASP CG   C N N 63  
ASP OD1  O N N 64  
ASP OD2  O N N 65  
ASP OXT  O N N 66  
ASP H    H N N 67  
ASP H2   H N N 68  
ASP HA   H N N 69  
ASP HB2  H N N 70  
ASP HB3  H N N 71  
ASP HD2  H N N 72  
ASP HXT  H N N 73  
CYS N    N N N 74  
CYS CA   C N R 75  
CYS C    C N N 76  
CYS O    O N N 77  
CYS CB   C N N 78  
CYS SG   S N N 79  
CYS OXT  O N N 80  
CYS H    H N N 81  
CYS H2   H N N 82  
CYS HA   H N N 83  
CYS HB2  H N N 84  
CYS HB3  H N N 85  
CYS HG   H N N 86  
CYS HXT  H N N 87  
GLN N    N N N 88  
GLN CA   C N S 89  
GLN C    C N N 90  
GLN O    O N N 91  
GLN CB   C N N 92  
GLN CG   C N N 93  
GLN CD   C N N 94  
GLN OE1  O N N 95  
GLN NE2  N N N 96  
GLN OXT  O N N 97  
GLN H    H N N 98  
GLN H2   H N N 99  
GLN HA   H N N 100 
GLN HB2  H N N 101 
GLN HB3  H N N 102 
GLN HG2  H N N 103 
GLN HG3  H N N 104 
GLN HE21 H N N 105 
GLN HE22 H N N 106 
GLN HXT  H N N 107 
GLU N    N N N 108 
GLU CA   C N S 109 
GLU C    C N N 110 
GLU O    O N N 111 
GLU CB   C N N 112 
GLU CG   C N N 113 
GLU CD   C N N 114 
GLU OE1  O N N 115 
GLU OE2  O N N 116 
GLU OXT  O N N 117 
GLU H    H N N 118 
GLU H2   H N N 119 
GLU HA   H N N 120 
GLU HB2  H N N 121 
GLU HB3  H N N 122 
GLU HG2  H N N 123 
GLU HG3  H N N 124 
GLU HE2  H N N 125 
GLU HXT  H N N 126 
HIS N    N N N 127 
HIS CA   C N S 128 
HIS C    C N N 129 
HIS O    O N N 130 
HIS CB   C N N 131 
HIS CG   C Y N 132 
HIS ND1  N Y N 133 
HIS CD2  C Y N 134 
HIS CE1  C Y N 135 
HIS NE2  N Y N 136 
HIS OXT  O N N 137 
HIS H    H N N 138 
HIS H2   H N N 139 
HIS HA   H N N 140 
HIS HB2  H N N 141 
HIS HB3  H N N 142 
HIS HD1  H N N 143 
HIS HD2  H N N 144 
HIS HE1  H N N 145 
HIS HE2  H N N 146 
HIS HXT  H N N 147 
ILE N    N N N 148 
ILE CA   C N S 149 
ILE C    C N N 150 
ILE O    O N N 151 
ILE CB   C N S 152 
ILE CG1  C N N 153 
ILE CG2  C N N 154 
ILE CD1  C N N 155 
ILE OXT  O N N 156 
ILE H    H N N 157 
ILE H2   H N N 158 
ILE HA   H N N 159 
ILE HB   H N N 160 
ILE HG12 H N N 161 
ILE HG13 H N N 162 
ILE HG21 H N N 163 
ILE HG22 H N N 164 
ILE HG23 H N N 165 
ILE HD11 H N N 166 
ILE HD12 H N N 167 
ILE HD13 H N N 168 
ILE HXT  H N N 169 
LEU N    N N N 170 
LEU CA   C N S 171 
LEU C    C N N 172 
LEU O    O N N 173 
LEU CB   C N N 174 
LEU CG   C N N 175 
LEU CD1  C N N 176 
LEU CD2  C N N 177 
LEU OXT  O N N 178 
LEU H    H N N 179 
LEU H2   H N N 180 
LEU HA   H N N 181 
LEU HB2  H N N 182 
LEU HB3  H N N 183 
LEU HG   H N N 184 
LEU HD11 H N N 185 
LEU HD12 H N N 186 
LEU HD13 H N N 187 
LEU HD21 H N N 188 
LEU HD22 H N N 189 
LEU HD23 H N N 190 
LEU HXT  H N N 191 
LYS N    N N N 192 
LYS CA   C N S 193 
LYS C    C N N 194 
LYS O    O N N 195 
LYS CB   C N N 196 
LYS CG   C N N 197 
LYS CD   C N N 198 
LYS CE   C N N 199 
LYS NZ   N N N 200 
LYS OXT  O N N 201 
LYS H    H N N 202 
LYS H2   H N N 203 
LYS HA   H N N 204 
LYS HB2  H N N 205 
LYS HB3  H N N 206 
LYS HG2  H N N 207 
LYS HG3  H N N 208 
LYS HD2  H N N 209 
LYS HD3  H N N 210 
LYS HE2  H N N 211 
LYS HE3  H N N 212 
LYS HZ1  H N N 213 
LYS HZ2  H N N 214 
LYS HZ3  H N N 215 
LYS HXT  H N N 216 
PRO N    N N N 217 
PRO CA   C N S 218 
PRO C    C N N 219 
PRO O    O N N 220 
PRO CB   C N N 221 
PRO CG   C N N 222 
PRO CD   C N N 223 
PRO OXT  O N N 224 
PRO H    H N N 225 
PRO HA   H N N 226 
PRO HB2  H N N 227 
PRO HB3  H N N 228 
PRO HG2  H N N 229 
PRO HG3  H N N 230 
PRO HD2  H N N 231 
PRO HD3  H N N 232 
PRO HXT  H N N 233 
SER N    N N N 234 
SER CA   C N S 235 
SER C    C N N 236 
SER O    O N N 237 
SER CB   C N N 238 
SER OG   O N N 239 
SER OXT  O N N 240 
SER H    H N N 241 
SER H2   H N N 242 
SER HA   H N N 243 
SER HB2  H N N 244 
SER HB3  H N N 245 
SER HG   H N N 246 
SER HXT  H N N 247 
THR N    N N N 248 
THR CA   C N S 249 
THR C    C N N 250 
THR O    O N N 251 
THR CB   C N R 252 
THR OG1  O N N 253 
THR CG2  C N N 254 
THR OXT  O N N 255 
THR H    H N N 256 
THR H2   H N N 257 
THR HA   H N N 258 
THR HB   H N N 259 
THR HG1  H N N 260 
THR HG21 H N N 261 
THR HG22 H N N 262 
THR HG23 H N N 263 
THR HXT  H N N 264 
TRP N    N N N 265 
TRP CA   C N S 266 
TRP C    C N N 267 
TRP O    O N N 268 
TRP CB   C N N 269 
TRP CG   C Y N 270 
TRP CD1  C Y N 271 
TRP CD2  C Y N 272 
TRP NE1  N Y N 273 
TRP CE2  C Y N 274 
TRP CE3  C Y N 275 
TRP CZ2  C Y N 276 
TRP CZ3  C Y N 277 
TRP CH2  C Y N 278 
TRP OXT  O N N 279 
TRP H    H N N 280 
TRP H2   H N N 281 
TRP HA   H N N 282 
TRP HB2  H N N 283 
TRP HB3  H N N 284 
TRP HD1  H N N 285 
TRP HE1  H N N 286 
TRP HE3  H N N 287 
TRP HZ2  H N N 288 
TRP HZ3  H N N 289 
TRP HH2  H N N 290 
TRP HXT  H N N 291 
VAL N    N N N 292 
VAL CA   C N S 293 
VAL C    C N N 294 
VAL O    O N N 295 
VAL CB   C N N 296 
VAL CG1  C N N 297 
VAL CG2  C N N 298 
VAL OXT  O N N 299 
VAL H    H N N 300 
VAL H2   H N N 301 
VAL HA   H N N 302 
VAL HB   H N N 303 
VAL HG11 H N N 304 
VAL HG12 H N N 305 
VAL HG13 H N N 306 
VAL HG21 H N N 307 
VAL HG22 H N N 308 
VAL HG23 H N N 309 
VAL HXT  H N N 310 
# 
loop_
_chem_comp_bond.comp_id 
_chem_comp_bond.atom_id_1 
_chem_comp_bond.atom_id_2 
_chem_comp_bond.value_order 
_chem_comp_bond.pdbx_aromatic_flag 
_chem_comp_bond.pdbx_stereo_config 
_chem_comp_bond.pdbx_ordinal 
ALA N   CA   sing N N 1   
ALA N   H    sing N N 2   
ALA N   H2   sing N N 3   
ALA CA  C    sing N N 4   
ALA CA  CB   sing N N 5   
ALA CA  HA   sing N N 6   
ALA C   O    doub N N 7   
ALA C   OXT  sing N N 8   
ALA CB  HB1  sing N N 9   
ALA CB  HB2  sing N N 10  
ALA CB  HB3  sing N N 11  
ALA OXT HXT  sing N N 12  
ARG N   CA   sing N N 13  
ARG N   H    sing N N 14  
ARG N   H2   sing N N 15  
ARG CA  C    sing N N 16  
ARG CA  CB   sing N N 17  
ARG CA  HA   sing N N 18  
ARG C   O    doub N N 19  
ARG C   OXT  sing N N 20  
ARG CB  CG   sing N N 21  
ARG CB  HB2  sing N N 22  
ARG CB  HB3  sing N N 23  
ARG CG  CD   sing N N 24  
ARG CG  HG2  sing N N 25  
ARG CG  HG3  sing N N 26  
ARG CD  NE   sing N N 27  
ARG CD  HD2  sing N N 28  
ARG CD  HD3  sing N N 29  
ARG NE  CZ   sing N N 30  
ARG NE  HE   sing N N 31  
ARG CZ  NH1  sing N N 32  
ARG CZ  NH2  doub N N 33  
ARG NH1 HH11 sing N N 34  
ARG NH1 HH12 sing N N 35  
ARG NH2 HH21 sing N N 36  
ARG NH2 HH22 sing N N 37  
ARG OXT HXT  sing N N 38  
ASN N   CA   sing N N 39  
ASN N   H    sing N N 40  
ASN N   H2   sing N N 41  
ASN CA  C    sing N N 42  
ASN CA  CB   sing N N 43  
ASN CA  HA   sing N N 44  
ASN C   O    doub N N 45  
ASN C   OXT  sing N N 46  
ASN CB  CG   sing N N 47  
ASN CB  HB2  sing N N 48  
ASN CB  HB3  sing N N 49  
ASN CG  OD1  doub N N 50  
ASN CG  ND2  sing N N 51  
ASN ND2 HD21 sing N N 52  
ASN ND2 HD22 sing N N 53  
ASN OXT HXT  sing N N 54  
ASP N   CA   sing N N 55  
ASP N   H    sing N N 56  
ASP N   H2   sing N N 57  
ASP CA  C    sing N N 58  
ASP CA  CB   sing N N 59  
ASP CA  HA   sing N N 60  
ASP C   O    doub N N 61  
ASP C   OXT  sing N N 62  
ASP CB  CG   sing N N 63  
ASP CB  HB2  sing N N 64  
ASP CB  HB3  sing N N 65  
ASP CG  OD1  doub N N 66  
ASP CG  OD2  sing N N 67  
ASP OD2 HD2  sing N N 68  
ASP OXT HXT  sing N N 69  
CYS N   CA   sing N N 70  
CYS N   H    sing N N 71  
CYS N   H2   sing N N 72  
CYS CA  C    sing N N 73  
CYS CA  CB   sing N N 74  
CYS CA  HA   sing N N 75  
CYS C   O    doub N N 76  
CYS C   OXT  sing N N 77  
CYS CB  SG   sing N N 78  
CYS CB  HB2  sing N N 79  
CYS CB  HB3  sing N N 80  
CYS SG  HG   sing N N 81  
CYS OXT HXT  sing N N 82  
GLN N   CA   sing N N 83  
GLN N   H    sing N N 84  
GLN N   H2   sing N N 85  
GLN CA  C    sing N N 86  
GLN CA  CB   sing N N 87  
GLN CA  HA   sing N N 88  
GLN C   O    doub N N 89  
GLN C   OXT  sing N N 90  
GLN CB  CG   sing N N 91  
GLN CB  HB2  sing N N 92  
GLN CB  HB3  sing N N 93  
GLN CG  CD   sing N N 94  
GLN CG  HG2  sing N N 95  
GLN CG  HG3  sing N N 96  
GLN CD  OE1  doub N N 97  
GLN CD  NE2  sing N N 98  
GLN NE2 HE21 sing N N 99  
GLN NE2 HE22 sing N N 100 
GLN OXT HXT  sing N N 101 
GLU N   CA   sing N N 102 
GLU N   H    sing N N 103 
GLU N   H2   sing N N 104 
GLU CA  C    sing N N 105 
GLU CA  CB   sing N N 106 
GLU CA  HA   sing N N 107 
GLU C   O    doub N N 108 
GLU C   OXT  sing N N 109 
GLU CB  CG   sing N N 110 
GLU CB  HB2  sing N N 111 
GLU CB  HB3  sing N N 112 
GLU CG  CD   sing N N 113 
GLU CG  HG2  sing N N 114 
GLU CG  HG3  sing N N 115 
GLU CD  OE1  doub N N 116 
GLU CD  OE2  sing N N 117 
GLU OE2 HE2  sing N N 118 
GLU OXT HXT  sing N N 119 
HIS N   CA   sing N N 120 
HIS N   H    sing N N 121 
HIS N   H2   sing N N 122 
HIS CA  C    sing N N 123 
HIS CA  CB   sing N N 124 
HIS CA  HA   sing N N 125 
HIS C   O    doub N N 126 
HIS C   OXT  sing N N 127 
HIS CB  CG   sing N N 128 
HIS CB  HB2  sing N N 129 
HIS CB  HB3  sing N N 130 
HIS CG  ND1  sing Y N 131 
HIS CG  CD2  doub Y N 132 
HIS ND1 CE1  doub Y N 133 
HIS ND1 HD1  sing N N 134 
HIS CD2 NE2  sing Y N 135 
HIS CD2 HD2  sing N N 136 
HIS CE1 NE2  sing Y N 137 
HIS CE1 HE1  sing N N 138 
HIS NE2 HE2  sing N N 139 
HIS OXT HXT  sing N N 140 
ILE N   CA   sing N N 141 
ILE N   H    sing N N 142 
ILE N   H2   sing N N 143 
ILE CA  C    sing N N 144 
ILE CA  CB   sing N N 145 
ILE CA  HA   sing N N 146 
ILE C   O    doub N N 147 
ILE C   OXT  sing N N 148 
ILE CB  CG1  sing N N 149 
ILE CB  CG2  sing N N 150 
ILE CB  HB   sing N N 151 
ILE CG1 CD1  sing N N 152 
ILE CG1 HG12 sing N N 153 
ILE CG1 HG13 sing N N 154 
ILE CG2 HG21 sing N N 155 
ILE CG2 HG22 sing N N 156 
ILE CG2 HG23 sing N N 157 
ILE CD1 HD11 sing N N 158 
ILE CD1 HD12 sing N N 159 
ILE CD1 HD13 sing N N 160 
ILE OXT HXT  sing N N 161 
LEU N   CA   sing N N 162 
LEU N   H    sing N N 163 
LEU N   H2   sing N N 164 
LEU CA  C    sing N N 165 
LEU CA  CB   sing N N 166 
LEU CA  HA   sing N N 167 
LEU C   O    doub N N 168 
LEU C   OXT  sing N N 169 
LEU CB  CG   sing N N 170 
LEU CB  HB2  sing N N 171 
LEU CB  HB3  sing N N 172 
LEU CG  CD1  sing N N 173 
LEU CG  CD2  sing N N 174 
LEU CG  HG   sing N N 175 
LEU CD1 HD11 sing N N 176 
LEU CD1 HD12 sing N N 177 
LEU CD1 HD13 sing N N 178 
LEU CD2 HD21 sing N N 179 
LEU CD2 HD22 sing N N 180 
LEU CD2 HD23 sing N N 181 
LEU OXT HXT  sing N N 182 
LYS N   CA   sing N N 183 
LYS N   H    sing N N 184 
LYS N   H2   sing N N 185 
LYS CA  C    sing N N 186 
LYS CA  CB   sing N N 187 
LYS CA  HA   sing N N 188 
LYS C   O    doub N N 189 
LYS C   OXT  sing N N 190 
LYS CB  CG   sing N N 191 
LYS CB  HB2  sing N N 192 
LYS CB  HB3  sing N N 193 
LYS CG  CD   sing N N 194 
LYS CG  HG2  sing N N 195 
LYS CG  HG3  sing N N 196 
LYS CD  CE   sing N N 197 
LYS CD  HD2  sing N N 198 
LYS CD  HD3  sing N N 199 
LYS CE  NZ   sing N N 200 
LYS CE  HE2  sing N N 201 
LYS CE  HE3  sing N N 202 
LYS NZ  HZ1  sing N N 203 
LYS NZ  HZ2  sing N N 204 
LYS NZ  HZ3  sing N N 205 
LYS OXT HXT  sing N N 206 
PRO N   CA   sing N N 207 
PRO N   CD   sing N N 208 
PRO N   H    sing N N 209 
PRO CA  C    sing N N 210 
PRO CA  CB   sing N N 211 
PRO CA  HA   sing N N 212 
PRO C   O    doub N N 213 
PRO C   OXT  sing N N 214 
PRO CB  CG   sing N N 215 
PRO CB  HB2  sing N N 216 
PRO CB  HB3  sing N N 217 
PRO CG  CD   sing N N 218 
PRO CG  HG2  sing N N 219 
PRO CG  HG3  sing N N 220 
PRO CD  HD2  sing N N 221 
PRO CD  HD3  sing N N 222 
PRO OXT HXT  sing N N 223 
SER N   CA   sing N N 224 
SER N   H    sing N N 225 
SER N   H2   sing N N 226 
SER CA  C    sing N N 227 
SER CA  CB   sing N N 228 
SER CA  HA   sing N N 229 
SER C   O    doub N N 230 
SER C   OXT  sing N N 231 
SER CB  OG   sing N N 232 
SER CB  HB2  sing N N 233 
SER CB  HB3  sing N N 234 
SER OG  HG   sing N N 235 
SER OXT HXT  sing N N 236 
THR N   CA   sing N N 237 
THR N   H    sing N N 238 
THR N   H2   sing N N 239 
THR CA  C    sing N N 240 
THR CA  CB   sing N N 241 
THR CA  HA   sing N N 242 
THR C   O    doub N N 243 
THR C   OXT  sing N N 244 
THR CB  OG1  sing N N 245 
THR CB  CG2  sing N N 246 
THR CB  HB   sing N N 247 
THR OG1 HG1  sing N N 248 
THR CG2 HG21 sing N N 249 
THR CG2 HG22 sing N N 250 
THR CG2 HG23 sing N N 251 
THR OXT HXT  sing N N 252 
TRP N   CA   sing N N 253 
TRP N   H    sing N N 254 
TRP N   H2   sing N N 255 
TRP CA  C    sing N N 256 
TRP CA  CB   sing N N 257 
TRP CA  HA   sing N N 258 
TRP C   O    doub N N 259 
TRP C   OXT  sing N N 260 
TRP CB  CG   sing N N 261 
TRP CB  HB2  sing N N 262 
TRP CB  HB3  sing N N 263 
TRP CG  CD1  doub Y N 264 
TRP CG  CD2  sing Y N 265 
TRP CD1 NE1  sing Y N 266 
TRP CD1 HD1  sing N N 267 
TRP CD2 CE2  doub Y N 268 
TRP CD2 CE3  sing Y N 269 
TRP NE1 CE2  sing Y N 270 
TRP NE1 HE1  sing N N 271 
TRP CE2 CZ2  sing Y N 272 
TRP CE3 CZ3  doub Y N 273 
TRP CE3 HE3  sing N N 274 
TRP CZ2 CH2  doub Y N 275 
TRP CZ2 HZ2  sing N N 276 
TRP CZ3 CH2  sing Y N 277 
TRP CZ3 HZ3  sing N N 278 
TRP CH2 HH2  sing N N 279 
TRP OXT HXT  sing N N 280 
VAL N   CA   sing N N 281 
VAL N   H    sing N N 282 
VAL N   H2   sing N N 283 
VAL CA  C    sing N N 284 
VAL CA  CB   sing N N 285 
VAL CA  HA   sing N N 286 
VAL C   O    doub N N 287 
VAL C   OXT  sing N N 288 
VAL CB  CG1  sing N N 289 
VAL CB  CG2  sing N N 290 
VAL CB  HB   sing N N 291 
VAL CG1 HG11 sing N N 292 
VAL CG1 HG12 sing N N 293 
VAL CG1 HG13 sing N N 294 
VAL CG2 HG21 sing N N 295 
VAL CG2 HG22 sing N N 296 
VAL CG2 HG23 sing N N 297 
VAL OXT HXT  sing N N 298 
# 
_pdbx_nmr_spectrometer.spectrometer_id   1 
_pdbx_nmr_spectrometer.type              ? 
_pdbx_nmr_spectrometer.manufacturer      Bruker 
_pdbx_nmr_spectrometer.model             DRX 
_pdbx_nmr_spectrometer.field_strength    600 
# 
_atom_sites.entry_id                    1KOY 
_atom_sites.fract_transf_matrix[1][1]   1.000000 
_atom_sites.fract_transf_matrix[1][2]   0.000000 
_atom_sites.fract_transf_matrix[1][3]   0.000000 
_atom_sites.fract_transf_matrix[2][1]   0.000000 
_atom_sites.fract_transf_matrix[2][2]   1.000000 
_atom_sites.fract_transf_matrix[2][3]   0.000000 
_atom_sites.fract_transf_matrix[3][1]   0.000000 
_atom_sites.fract_transf_matrix[3][2]   0.000000 
_atom_sites.fract_transf_matrix[3][3]   1.000000 
_atom_sites.fract_transf_vector[1]      0.00000 
_atom_sites.fract_transf_vector[2]      0.00000 
_atom_sites.fract_transf_vector[3]      0.00000 
# 
loop_
_atom_type.symbol 
C 
H 
N 
O 
S 
# 
loop_
_atom_site.group_PDB 
_atom_site.id 
_atom_site.type_symbol 
_atom_site.label_atom_id 
_atom_site.label_alt_id 
_atom_site.label_comp_id 
_atom_site.label_asym_id 
_atom_site.label_entity_id 
_atom_site.label_seq_id 
_atom_site.pdbx_PDB_ins_code 
_atom_site.Cartn_x 
_atom_site.Cartn_y 
_atom_site.Cartn_z 
_atom_site.occupancy 
_atom_site.B_iso_or_equiv 
_atom_site.pdbx_formal_charge 
_atom_site.auth_seq_id 
_atom_site.auth_comp_id 
_atom_site.auth_asym_id 
_atom_site.auth_atom_id 
_atom_site.pdbx_PDB_model_num 
ATOM 1   N N    . SER A 1 1  ? 5.527   -12.733 6.588   1.00 0.00 ? 239 SER A N    1 
ATOM 2   C CA   . SER A 1 1  ? 6.639   -12.511 5.667   1.00 0.00 ? 239 SER A CA   1 
ATOM 3   C C    . SER A 1 1  ? 6.161   -12.513 4.216   1.00 0.00 ? 239 SER A C    1 
ATOM 4   O O    . SER A 1 1  ? 6.671   -11.763 3.384   1.00 0.00 ? 239 SER A O    1 
ATOM 5   C CB   . SER A 1 1  ? 7.711   -13.584 5.864   1.00 0.00 ? 239 SER A CB   1 
ATOM 6   O OG   . SER A 1 1  ? 7.723   -14.056 7.200   1.00 0.00 ? 239 SER A OG   1 
ATOM 7   H H    . SER A 1 1  ? 5.581   -13.472 7.230   1.00 0.00 ? 239 SER A H    1 
ATOM 8   H HA   . SER A 1 1  ? 7.064   -11.545 5.891   1.00 0.00 ? 239 SER A HA   1 
ATOM 9   H HB2  . SER A 1 1  ? 7.512   -14.415 5.204   1.00 0.00 ? 239 SER A HB2  1 
ATOM 10  H HB3  . SER A 1 1  ? 8.681   -13.167 5.634   1.00 0.00 ? 239 SER A HB3  1 
ATOM 11  H HG   . SER A 1 1  ? 8.565   -13.845 7.608   1.00 0.00 ? 239 SER A HG   1 
ATOM 12  N N    . HIS A 1 2  ? 5.182   -13.362 3.920   1.00 0.00 ? 240 HIS A N    1 
ATOM 13  C CA   . HIS A 1 2  ? 4.639   -13.463 2.569   1.00 0.00 ? 240 HIS A CA   1 
ATOM 14  C C    . HIS A 1 2  ? 4.034   -12.134 2.122   1.00 0.00 ? 240 HIS A C    1 
ATOM 15  O O    . HIS A 1 2  ? 4.113   -11.765 0.948   1.00 0.00 ? 240 HIS A O    1 
ATOM 16  C CB   . HIS A 1 2  ? 3.582   -14.566 2.505   1.00 0.00 ? 240 HIS A CB   1 
ATOM 17  C CG   . HIS A 1 2  ? 4.045   -15.870 3.079   1.00 0.00 ? 240 HIS A CG   1 
ATOM 18  N ND1  . HIS A 1 2  ? 4.571   -16.888 2.311   1.00 0.00 ? 240 HIS A ND1  1 
ATOM 19  C CD2  . HIS A 1 2  ? 4.062   -16.319 4.357   1.00 0.00 ? 240 HIS A CD2  1 
ATOM 20  C CE1  . HIS A 1 2  ? 4.890   -17.905 3.091   1.00 0.00 ? 240 HIS A CE1  1 
ATOM 21  N NE2  . HIS A 1 2  ? 4.591   -17.586 4.336   1.00 0.00 ? 240 HIS A NE2  1 
ATOM 22  H H    . HIS A 1 2  ? 4.818   -13.936 4.625   1.00 0.00 ? 240 HIS A H    1 
ATOM 23  H HA   . HIS A 1 2  ? 5.451   -13.715 1.904   1.00 0.00 ? 240 HIS A HA   1 
ATOM 24  H HB2  . HIS A 1 2  ? 2.709   -14.252 3.055   1.00 0.00 ? 240 HIS A HB2  1 
ATOM 25  H HB3  . HIS A 1 2  ? 3.309   -14.735 1.473   1.00 0.00 ? 240 HIS A HB3  1 
ATOM 26  H HD1  . HIS A 1 2  ? 4.692   -16.867 1.338   1.00 0.00 ? 240 HIS A HD1  1 
ATOM 27  H HD2  . HIS A 1 2  ? 3.721   -15.781 5.230   1.00 0.00 ? 240 HIS A HD2  1 
ATOM 28  H HE1  . HIS A 1 2  ? 5.322   -18.840 2.766   1.00 0.00 ? 240 HIS A HE1  1 
ATOM 29  H HE2  . HIS A 1 2  ? 4.651   -18.190 5.105   1.00 0.00 ? 240 HIS A HE2  1 
ATOM 30  N N    . ILE A 1 3  ? 3.453   -11.406 3.068   1.00 0.00 ? 241 ILE A N    1 
ATOM 31  C CA   . ILE A 1 3  ? 2.862   -10.108 2.774   1.00 0.00 ? 241 ILE A CA   1 
ATOM 32  C C    . ILE A 1 3  ? 3.933   -9.026  2.774   1.00 0.00 ? 241 ILE A C    1 
ATOM 33  O O    . ILE A 1 3  ? 3.899   -8.096  1.968   1.00 0.00 ? 241 ILE A O    1 
ATOM 34  C CB   . ILE A 1 3  ? 1.767   -9.734  3.792   1.00 0.00 ? 241 ILE A CB   1 
ATOM 35  C CG1  . ILE A 1 3  ? 0.791   -10.898 3.974   1.00 0.00 ? 241 ILE A CG1  1 
ATOM 36  C CG2  . ILE A 1 3  ? 1.027   -8.480  3.343   1.00 0.00 ? 241 ILE A CG2  1 
ATOM 37  C CD1  . ILE A 1 3  ? 1.173   -11.839 5.097   1.00 0.00 ? 241 ILE A CD1  1 
ATOM 38  H H    . ILE A 1 3  ? 3.451   -11.736 3.991   1.00 0.00 ? 241 ILE A H    1 
ATOM 39  H HA   . ILE A 1 3  ? 2.414   -10.159 1.793   1.00 0.00 ? 241 ILE A HA   1 
ATOM 40  H HB   . ILE A 1 3  ? 2.242   -9.522  4.738   1.00 0.00 ? 241 ILE A HB   1 
ATOM 41  H HG12 . ILE A 1 3  ? -0.192  -10.507 4.191   1.00 0.00 ? 241 ILE A HG12 1 
ATOM 42  H HG13 . ILE A 1 3  ? 0.751   -11.473 3.060   1.00 0.00 ? 241 ILE A HG13 1 
ATOM 43  H HG21 . ILE A 1 3  ? 0.923   -7.804  4.178   1.00 0.00 ? 241 ILE A HG21 1 
ATOM 44  H HG22 . ILE A 1 3  ? 0.048   -8.751  2.976   1.00 0.00 ? 241 ILE A HG22 1 
ATOM 45  H HG23 . ILE A 1 3  ? 1.584   -7.995  2.555   1.00 0.00 ? 241 ILE A HG23 1 
ATOM 46  H HD11 . ILE A 1 3  ? 2.140   -11.556 5.489   1.00 0.00 ? 241 ILE A HD11 1 
ATOM 47  H HD12 . ILE A 1 3  ? 1.219   -12.850 4.720   1.00 0.00 ? 241 ILE A HD12 1 
ATOM 48  H HD13 . ILE A 1 3  ? 0.435   -11.780 5.883   1.00 0.00 ? 241 ILE A HD13 1 
ATOM 49  N N    . LEU A 1 4  ? 4.880   -9.157  3.698   1.00 0.00 ? 242 LEU A N    1 
ATOM 50  C CA   . LEU A 1 4  ? 5.969   -8.200  3.837   1.00 0.00 ? 242 LEU A CA   1 
ATOM 51  C C    . LEU A 1 4  ? 6.939   -8.272  2.661   1.00 0.00 ? 242 LEU A C    1 
ATOM 52  O O    . LEU A 1 4  ? 7.421   -7.247  2.190   1.00 0.00 ? 242 LEU A O    1 
ATOM 53  C CB   . LEU A 1 4  ? 6.713   -8.450  5.147   1.00 0.00 ? 242 LEU A CB   1 
ATOM 54  C CG   . LEU A 1 4  ? 7.034   -7.196  5.954   1.00 0.00 ? 242 LEU A CG   1 
ATOM 55  C CD1  . LEU A 1 4  ? 6.941   -7.480  7.446   1.00 0.00 ? 242 LEU A CD1  1 
ATOM 56  C CD2  . LEU A 1 4  ? 8.417   -6.675  5.594   1.00 0.00 ? 242 LEU A CD2  1 
ATOM 57  H H    . LEU A 1 4  ? 4.840   -9.917  4.314   1.00 0.00 ? 242 LEU A H    1 
ATOM 58  H HA   . LEU A 1 4  ? 5.536   -7.212  3.867   1.00 0.00 ? 242 LEU A HA   1 
ATOM 59  H HB2  . LEU A 1 4  ? 6.106   -9.101  5.758   1.00 0.00 ? 242 LEU A HB2  1 
ATOM 60  H HB3  . LEU A 1 4  ? 7.639   -8.955  4.922   1.00 0.00 ? 242 LEU A HB3  1 
ATOM 61  H HG   . LEU A 1 4  ? 6.312   -6.429  5.714   1.00 0.00 ? 242 LEU A HG   1 
ATOM 62  H HD11 . LEU A 1 4  ? 6.301   -8.334  7.610   1.00 0.00 ? 242 LEU A HD11 1 
ATOM 63  H HD12 . LEU A 1 4  ? 6.529   -6.618  7.951   1.00 0.00 ? 242 LEU A HD12 1 
ATOM 64  H HD13 . LEU A 1 4  ? 7.927   -7.689  7.835   1.00 0.00 ? 242 LEU A HD13 1 
ATOM 65  H HD21 . LEU A 1 4  ? 8.331   -5.943  4.804   1.00 0.00 ? 242 LEU A HD21 1 
ATOM 66  H HD22 . LEU A 1 4  ? 9.036   -7.494  5.261   1.00 0.00 ? 242 LEU A HD22 1 
ATOM 67  H HD23 . LEU A 1 4  ? 8.866   -6.215  6.462   1.00 0.00 ? 242 LEU A HD23 1 
ATOM 68  N N    . THR A 1 5  ? 7.228   -9.481  2.190   1.00 0.00 ? 243 THR A N    1 
ATOM 69  C CA   . THR A 1 5  ? 8.146   -9.655  1.066   1.00 0.00 ? 243 THR A CA   1 
ATOM 70  C C    . THR A 1 5  ? 7.630   -8.910  -0.161  1.00 0.00 ? 243 THR A C    1 
ATOM 71  O O    . THR A 1 5  ? 8.374   -8.193  -0.828  1.00 0.00 ? 243 THR A O    1 
ATOM 72  C CB   . THR A 1 5  ? 8.331   -11.139 0.743   1.00 0.00 ? 243 THR A CB   1 
ATOM 73  O OG1  . THR A 1 5  ? 9.286   -11.313 -0.288  1.00 0.00 ? 243 THR A OG1  1 
ATOM 74  C CG2  . THR A 1 5  ? 7.053   -11.818 0.305   1.00 0.00 ? 243 THR A CG2  1 
ATOM 75  H H    . THR A 1 5  ? 6.819   -10.270 2.602   1.00 0.00 ? 243 THR A H    1 
ATOM 76  H HA   . THR A 1 5  ? 9.100   -9.235  1.351   1.00 0.00 ? 243 THR A HA   1 
ATOM 77  H HB   . THR A 1 5  ? 8.688   -11.647 1.627   1.00 0.00 ? 243 THR A HB   1 
ATOM 78  H HG1  . THR A 1 5  ? 9.047   -10.769 -1.042  1.00 0.00 ? 243 THR A HG1  1 
ATOM 79  H HG21 . THR A 1 5  ? 7.150   -12.885 0.432   1.00 0.00 ? 243 THR A HG21 1 
ATOM 80  H HG22 . THR A 1 5  ? 6.865   -11.595 -0.735  1.00 0.00 ? 243 THR A HG22 1 
ATOM 81  H HG23 . THR A 1 5  ? 6.232   -11.457 0.905   1.00 0.00 ? 243 THR A HG23 1 
ATOM 82  N N    . ALA A 1 6  ? 6.341   -9.070  -0.435  1.00 0.00 ? 244 ALA A N    1 
ATOM 83  C CA   . ALA A 1 6  ? 5.707   -8.403  -1.551  1.00 0.00 ? 244 ALA A CA   1 
ATOM 84  C C    . ALA A 1 6  ? 5.561   -6.916  -1.267  1.00 0.00 ? 244 ALA A C    1 
ATOM 85  O O    . ALA A 1 6  ? 5.605   -6.098  -2.178  1.00 0.00 ? 244 ALA A O    1 
ATOM 86  C CB   . ALA A 1 6  ? 4.349   -9.027  -1.840  1.00 0.00 ? 244 ALA A CB   1 
ATOM 87  H H    . ALA A 1 6  ? 5.803   -9.630  0.144   1.00 0.00 ? 244 ALA A H    1 
ATOM 88  H HA   . ALA A 1 6  ? 6.331   -8.536  -2.422  1.00 0.00 ? 244 ALA A HA   1 
ATOM 89  H HB1  . ALA A 1 6  ? 4.455   -9.791  -2.595  1.00 0.00 ? 244 ALA A HB1  1 
ATOM 90  H HB2  . ALA A 1 6  ? 3.670   -8.264  -2.194  1.00 0.00 ? 244 ALA A HB2  1 
ATOM 91  H HB3  . ALA A 1 6  ? 3.955   -9.466  -0.934  1.00 0.00 ? 244 ALA A HB3  1 
ATOM 92  N N    . LEU A 1 7  ? 5.408   -6.563  0.010   1.00 0.00 ? 245 LEU A N    1 
ATOM 93  C CA   . LEU A 1 7  ? 5.272   -5.164  0.401   1.00 0.00 ? 245 LEU A CA   1 
ATOM 94  C C    . LEU A 1 7  ? 6.582   -4.430  0.187   1.00 0.00 ? 245 LEU A C    1 
ATOM 95  O O    . LEU A 1 7  ? 6.616   -3.352  -0.401  1.00 0.00 ? 245 LEU A O    1 
ATOM 96  C CB   . LEU A 1 7  ? 4.850   -5.056  1.872   1.00 0.00 ? 245 LEU A CB   1 
ATOM 97  C CG   . LEU A 1 7  ? 3.532   -4.320  2.128   1.00 0.00 ? 245 LEU A CG   1 
ATOM 98  C CD1  . LEU A 1 7  ? 3.402   -3.957  3.602   1.00 0.00 ? 245 LEU A CD1  1 
ATOM 99  C CD2  . LEU A 1 7  ? 3.427   -3.072  1.258   1.00 0.00 ? 245 LEU A CD2  1 
ATOM 100 H H    . LEU A 1 7  ? 5.407   -7.243  0.717   1.00 0.00 ? 245 LEU A H    1 
ATOM 101 H HA   . LEU A 1 7  ? 4.513   -4.716  -0.220  1.00 0.00 ? 245 LEU A HA   1 
ATOM 102 H HB2  . LEU A 1 7  ? 4.761   -6.056  2.270   1.00 0.00 ? 245 LEU A HB2  1 
ATOM 103 H HB3  . LEU A 1 7  ? 5.632   -4.544  2.413   1.00 0.00 ? 245 LEU A HB3  1 
ATOM 104 H HG   . LEU A 1 7  ? 2.711   -4.977  1.877   1.00 0.00 ? 245 LEU A HG   1 
ATOM 105 H HD11 . LEU A 1 7  ? 2.485   -4.370  3.994   1.00 0.00 ? 245 LEU A HD11 1 
ATOM 106 H HD12 . LEU A 1 7  ? 3.386   -2.882  3.708   1.00 0.00 ? 245 LEU A HD12 1 
ATOM 107 H HD13 . LEU A 1 7  ? 4.241   -4.359  4.150   1.00 0.00 ? 245 LEU A HD13 1 
ATOM 108 H HD21 . LEU A 1 7  ? 2.745   -3.258  0.441   1.00 0.00 ? 245 LEU A HD21 1 
ATOM 109 H HD22 . LEU A 1 7  ? 4.401   -2.825  0.863   1.00 0.00 ? 245 LEU A HD22 1 
ATOM 110 H HD23 . LEU A 1 7  ? 3.060   -2.245  1.850   1.00 0.00 ? 245 LEU A HD23 1 
ATOM 111 N N    . ARG A 1 8  ? 7.664   -5.035  0.657   1.00 0.00 ? 246 ARG A N    1 
ATOM 112 C CA   . ARG A 1 8  ? 8.978   -4.460  0.509   1.00 0.00 ? 246 ARG A CA   1 
ATOM 113 C C    . ARG A 1 8  ? 9.382   -4.450  -0.962  1.00 0.00 ? 246 ARG A C    1 
ATOM 114 O O    . ARG A 1 8  ? 10.373  -3.827  -1.334  1.00 0.00 ? 246 ARG A O    1 
ATOM 115 C CB   . ARG A 1 8  ? 10.003  -5.246  1.339   1.00 0.00 ? 246 ARG A CB   1 
ATOM 116 C CG   . ARG A 1 8  ? 10.443  -6.558  0.704   1.00 0.00 ? 246 ARG A CG   1 
ATOM 117 C CD   . ARG A 1 8  ? 11.907  -6.516  0.293   1.00 0.00 ? 246 ARG A CD   1 
ATOM 118 N NE   . ARG A 1 8  ? 12.790  -6.975  1.361   1.00 0.00 ? 246 ARG A NE   1 
ATOM 119 C CZ   . ARG A 1 8  ? 14.109  -7.105  1.228   1.00 0.00 ? 246 ARG A CZ   1 
ATOM 120 N NH1  . ARG A 1 8  ? 14.698  -6.813  0.076   1.00 0.00 ? 246 ARG A NH1  1 
ATOM 121 N NH2  . ARG A 1 8  ? 14.839  -7.528  2.252   1.00 0.00 ? 246 ARG A NH2  1 
ATOM 122 H H    . ARG A 1 8  ? 7.576   -5.894  1.095   1.00 0.00 ? 246 ARG A H    1 
ATOM 123 H HA   . ARG A 1 8  ? 8.935   -3.448  0.878   1.00 0.00 ? 246 ARG A HA   1 
ATOM 124 H HB2  . ARG A 1 8  ? 10.878  -4.629  1.482   1.00 0.00 ? 246 ARG A HB2  1 
ATOM 125 H HB3  . ARG A 1 8  ? 9.570   -5.468  2.303   1.00 0.00 ? 246 ARG A HB3  1 
ATOM 126 H HG2  . ARG A 1 8  ? 10.304  -7.357  1.416   1.00 0.00 ? 246 ARG A HG2  1 
ATOM 127 H HG3  . ARG A 1 8  ? 9.840   -6.743  -0.172  1.00 0.00 ? 246 ARG A HG3  1 
ATOM 128 H HD2  . ARG A 1 8  ? 12.043  -7.150  -0.570  1.00 0.00 ? 246 ARG A HD2  1 
ATOM 129 H HD3  . ARG A 1 8  ? 12.167  -5.499  0.035   1.00 0.00 ? 246 ARG A HD3  1 
ATOM 130 H HE   . ARG A 1 8  ? 12.381  -7.197  2.224   1.00 0.00 ? 246 ARG A HE   1 
ATOM 131 H HH11 . ARG A 1 8  ? 14.154  -6.493  -0.699  1.00 0.00 ? 246 ARG A HH11 1 
ATOM 132 H HH12 . ARG A 1 8  ? 15.689  -6.912  -0.018  1.00 0.00 ? 246 ARG A HH12 1 
ATOM 133 H HH21 . ARG A 1 8  ? 14.401  -7.749  3.122   1.00 0.00 ? 246 ARG A HH21 1 
ATOM 134 H HH22 . ARG A 1 8  ? 15.830  -7.626  2.151   1.00 0.00 ? 246 ARG A HH22 1 
ATOM 135 N N    . GLU A 1 9  ? 8.629   -5.172  -1.802  1.00 0.00 ? 247 GLU A N    1 
ATOM 136 C CA   . GLU A 1 9  ? 8.954   -5.247  -3.217  1.00 0.00 ? 247 GLU A CA   1 
ATOM 137 C C    . GLU A 1 9  ? 7.805   -4.786  -4.117  1.00 0.00 ? 247 GLU A C    1 
ATOM 138 O O    . GLU A 1 9  ? 7.845   -3.670  -4.635  1.00 0.00 ? 247 GLU A O    1 
ATOM 139 C CB   . GLU A 1 9  ? 9.355   -6.678  -3.583  1.00 0.00 ? 247 GLU A CB   1 
ATOM 140 C CG   . GLU A 1 9  ? 10.763  -6.789  -4.147  1.00 0.00 ? 247 GLU A CG   1 
ATOM 141 C CD   . GLU A 1 9  ? 10.777  -6.923  -5.657  1.00 0.00 ? 247 GLU A CD   1 
ATOM 142 O OE1  . GLU A 1 9  ? 9.815   -7.496  -6.211  1.00 0.00 ? 247 GLU A OE1  1 
ATOM 143 O OE2  . GLU A 1 9  ? 11.749  -6.455  -6.286  1.00 0.00 ? 247 GLU A OE2  1 
ATOM 144 H H    . GLU A 1 9  ? 7.864   -5.681  -1.475  1.00 0.00 ? 247 GLU A H    1 
ATOM 145 H HA   . GLU A 1 9  ? 9.801   -4.602  -3.390  1.00 0.00 ? 247 GLU A HA   1 
ATOM 146 H HB2  . GLU A 1 9  ? 9.297   -7.295  -2.698  1.00 0.00 ? 247 GLU A HB2  1 
ATOM 147 H HB3  . GLU A 1 9  ? 8.666   -7.059  -4.322  1.00 0.00 ? 247 GLU A HB3  1 
ATOM 148 H HG2  . GLU A 1 9  ? 11.316  -5.902  -3.875  1.00 0.00 ? 247 GLU A HG2  1 
ATOM 149 H HG3  . GLU A 1 9  ? 11.241  -7.657  -3.718  1.00 0.00 ? 247 GLU A HG3  1 
ATOM 150 N N    . LYS A 1 10 ? 6.795   -5.643  -4.342  1.00 0.00 ? 248 LYS A N    1 
ATOM 151 C CA   . LYS A 1 10 ? 5.692   -5.255  -5.236  1.00 0.00 ? 248 LYS A CA   1 
ATOM 152 C C    . LYS A 1 10 ? 4.285   -5.615  -4.735  1.00 0.00 ? 248 LYS A C    1 
ATOM 153 O O    . LYS A 1 10 ? 3.522   -6.256  -5.459  1.00 0.00 ? 248 LYS A O    1 
ATOM 154 C CB   . LYS A 1 10 ? 5.909   -5.853  -6.630  1.00 0.00 ? 248 LYS A CB   1 
ATOM 155 C CG   . LYS A 1 10 ? 6.843   -5.042  -7.525  1.00 0.00 ? 248 LYS A CG   1 
ATOM 156 C CD   . LYS A 1 10 ? 6.565   -3.540  -7.467  1.00 0.00 ? 248 LYS A CD   1 
ATOM 157 C CE   . LYS A 1 10 ? 5.083   -3.221  -7.610  1.00 0.00 ? 248 LYS A CE   1 
ATOM 158 N NZ   . LYS A 1 10 ? 4.580   -3.517  -8.979  1.00 0.00 ? 248 LYS A NZ   1 
ATOM 159 H H    . LYS A 1 10 ? 6.802   -6.542  -3.921  1.00 0.00 ? 248 LYS A H    1 
ATOM 160 H HA   . LYS A 1 10 ? 5.735   -4.181  -5.328  1.00 0.00 ? 248 LYS A HA   1 
ATOM 161 H HB2  . LYS A 1 10 ? 6.324   -6.844  -6.520  1.00 0.00 ? 248 LYS A HB2  1 
ATOM 162 H HB3  . LYS A 1 10 ? 4.952   -5.930  -7.126  1.00 0.00 ? 248 LYS A HB3  1 
ATOM 163 H HG2  . LYS A 1 10 ? 7.861   -5.215  -7.208  1.00 0.00 ? 248 LYS A HG2  1 
ATOM 164 H HG3  . LYS A 1 10 ? 6.724   -5.380  -8.545  1.00 0.00 ? 248 LYS A HG3  1 
ATOM 165 H HD2  . LYS A 1 10 ? 6.911   -3.157  -6.521  1.00 0.00 ? 248 LYS A HD2  1 
ATOM 166 H HD3  . LYS A 1 10 ? 7.105   -3.057  -8.269  1.00 0.00 ? 248 LYS A HD3  1 
ATOM 167 H HE2  . LYS A 1 10 ? 4.529   -3.813  -6.897  1.00 0.00 ? 248 LYS A HE2  1 
ATOM 168 H HE3  . LYS A 1 10 ? 4.932   -2.170  -7.397  1.00 0.00 ? 248 LYS A HE3  1 
ATOM 169 H HZ1  . LYS A 1 10 ? 5.233   -3.129  -9.691  1.00 0.00 ? 248 LYS A HZ1  1 
ATOM 170 H HZ2  . LYS A 1 10 ? 3.643   -3.088  -9.117  1.00 0.00 ? 248 LYS A HZ2  1 
ATOM 171 H HZ3  . LYS A 1 10 ? 4.502   -4.544  -9.118  1.00 0.00 ? 248 LYS A HZ3  1 
ATOM 172 N N    . GLN A 1 11 ? 3.912   -5.174  -3.542  1.00 0.00 ? 249 GLN A N    1 
ATOM 173 C CA   . GLN A 1 11 ? 2.563   -5.438  -3.038  1.00 0.00 ? 249 GLN A CA   1 
ATOM 174 C C    . GLN A 1 11 ? 1.627   -4.358  -3.566  1.00 0.00 ? 249 GLN A C    1 
ATOM 175 O O    . GLN A 1 11 ? 1.942   -3.177  -3.442  1.00 0.00 ? 249 GLN A O    1 
ATOM 176 C CB   . GLN A 1 11 ? 2.545   -5.452  -1.508  1.00 0.00 ? 249 GLN A CB   1 
ATOM 177 C CG   . GLN A 1 11 ? 1.202   -5.849  -0.918  1.00 0.00 ? 249 GLN A CG   1 
ATOM 178 C CD   . GLN A 1 11 ? 0.366   -4.651  -0.519  1.00 0.00 ? 249 GLN A CD   1 
ATOM 179 O OE1  . GLN A 1 11 ? 0.634   -4.000  0.491   1.00 0.00 ? 249 GLN A OE1  1 
ATOM 180 N NE2  . GLN A 1 11 ? -0.655  -4.354  -1.312  1.00 0.00 ? 249 GLN A NE2  1 
ATOM 181 H H    . GLN A 1 11 ? 4.532   -4.635  -3.008  1.00 0.00 ? 249 GLN A H    1 
ATOM 182 H HA   . GLN A 1 11 ? 2.243   -6.400  -3.413  1.00 0.00 ? 249 GLN A HA   1 
ATOM 183 H HB2  . GLN A 1 11 ? 3.286   -6.152  -1.156  1.00 0.00 ? 249 GLN A HB2  1 
ATOM 184 H HB3  . GLN A 1 11 ? 2.793   -4.466  -1.148  1.00 0.00 ? 249 GLN A HB3  1 
ATOM 185 H HG2  . GLN A 1 11 ? 0.655   -6.422  -1.652  1.00 0.00 ? 249 GLN A HG2  1 
ATOM 186 H HG3  . GLN A 1 11 ? 1.374   -6.458  -0.043  1.00 0.00 ? 249 GLN A HG3  1 
ATOM 187 H HE21 . GLN A 1 11 ? -0.809  -4.919  -2.097  1.00 0.00 ? 249 GLN A HE21 1 
ATOM 188 H HE22 . GLN A 1 11 ? -1.209  -3.581  -1.083  1.00 0.00 ? 249 GLN A HE22 1 
ATOM 189 N N    . ALA A 1 12 ? 0.511   -4.736  -4.201  1.00 0.00 ? 250 ALA A N    1 
ATOM 190 C CA   . ALA A 1 12 ? -0.392  -3.751  -4.770  1.00 0.00 ? 250 ALA A CA   1 
ATOM 191 C C    . ALA A 1 12 ? -1.540  -3.378  -3.836  1.00 0.00 ? 250 ALA A C    1 
ATOM 192 O O    . ALA A 1 12 ? -2.609  -3.988  -3.865  1.00 0.00 ? 250 ALA A O    1 
ATOM 193 C CB   . ALA A 1 12 ? -0.945  -4.247  -6.093  1.00 0.00 ? 250 ALA A CB   1 
ATOM 194 H H    . ALA A 1 12 ? 0.307   -5.683  -4.333  1.00 0.00 ? 250 ALA A H    1 
ATOM 195 H HA   . ALA A 1 12 ? 0.186   -2.863  -4.975  1.00 0.00 ? 250 ALA A HA   1 
ATOM 196 H HB1  . ALA A 1 12 ? -0.440  -3.745  -6.904  1.00 0.00 ? 250 ALA A HB1  1 
ATOM 197 H HB2  . ALA A 1 12 ? -2.004  -4.034  -6.142  1.00 0.00 ? 250 ALA A HB2  1 
ATOM 198 H HB3  . ALA A 1 12 ? -0.787  -5.311  -6.173  1.00 0.00 ? 250 ALA A HB3  1 
ATOM 199 N N    . PRO A 1 13 ? -1.349  -2.310  -3.050  1.00 0.00 ? 251 PRO A N    1 
ATOM 200 C CA   . PRO A 1 13 ? -2.346  -1.753  -2.162  1.00 0.00 ? 251 PRO A CA   1 
ATOM 201 C C    . PRO A 1 13 ? -3.150  -0.726  -2.937  1.00 0.00 ? 251 PRO A C    1 
ATOM 202 O O    . PRO A 1 13 ? -3.656  0.247   -2.378  1.00 0.00 ? 251 PRO A O    1 
ATOM 203 C CB   . PRO A 1 13 ? -1.515  -1.106  -1.050  1.00 0.00 ? 251 PRO A CB   1 
ATOM 204 C CG   . PRO A 1 13 ? -0.138  -0.919  -1.617  1.00 0.00 ? 251 PRO A CG   1 
ATOM 205 C CD   . PRO A 1 13 ? -0.146  -1.472  -3.021  1.00 0.00 ? 251 PRO A CD   1 
ATOM 206 H HA   . PRO A 1 13 ? -3.001  -2.509  -1.758  1.00 0.00 ? 251 PRO A HA   1 
ATOM 207 H HB2  . PRO A 1 13 ? -1.958  -0.161  -0.775  1.00 0.00 ? 251 PRO A HB2  1 
ATOM 208 H HB3  . PRO A 1 13 ? -1.498  -1.759  -0.190  1.00 0.00 ? 251 PRO A HB3  1 
ATOM 209 H HG2  . PRO A 1 13 ? 0.107   0.133   -1.637  1.00 0.00 ? 251 PRO A HG2  1 
ATOM 210 H HG3  . PRO A 1 13 ? 0.579   -1.455  -1.011  1.00 0.00 ? 251 PRO A HG3  1 
ATOM 211 H HD2  . PRO A 1 13 ? -0.219  -0.671  -3.741  1.00 0.00 ? 251 PRO A HD2  1 
ATOM 212 H HD3  . PRO A 1 13 ? 0.735   -2.057  -3.198  1.00 0.00 ? 251 PRO A HD3  1 
ATOM 213 N N    . GLU A 1 14 ? -3.315  -1.000  -4.232  1.00 0.00 ? 252 GLU A N    1 
ATOM 214 C CA   . GLU A 1 14 ? -4.114  -0.156  -5.100  1.00 0.00 ? 252 GLU A CA   1 
ATOM 215 C C    . GLU A 1 14 ? -5.379  -0.887  -5.522  1.00 0.00 ? 252 GLU A C    1 
ATOM 216 O O    . GLU A 1 14 ? -6.487  -0.557  -5.097  1.00 0.00 ? 252 GLU A O    1 
ATOM 217 C CB   . GLU A 1 14 ? -3.316  0.287   -6.334  1.00 0.00 ? 252 GLU A CB   1 
ATOM 218 C CG   . GLU A 1 14 ? -2.161  -0.637  -6.697  1.00 0.00 ? 252 GLU A CG   1 
ATOM 219 C CD   . GLU A 1 14 ? -0.841  -0.184  -6.103  1.00 0.00 ? 252 GLU A CD   1 
ATOM 220 O OE1  . GLU A 1 14 ? -0.780  0.949   -5.582  1.00 0.00 ? 252 GLU A OE1  1 
ATOM 221 O OE2  . GLU A 1 14 ? 0.133   -0.965  -6.161  1.00 0.00 ? 252 GLU A OE2  1 
ATOM 222 H H    . GLU A 1 14 ? -3.047  -1.885  -4.557  1.00 0.00 ? 252 GLU A H    1 
ATOM 223 H HA   . GLU A 1 14 ? -4.400  0.709   -4.533  1.00 0.00 ? 252 GLU A HA   1 
ATOM 224 H HB2  . GLU A 1 14 ? -3.985  0.334   -7.180  1.00 0.00 ? 252 GLU A HB2  1 
ATOM 225 H HB3  . GLU A 1 14 ? -2.915  1.273   -6.151  1.00 0.00 ? 252 GLU A HB3  1 
ATOM 226 H HG2  . GLU A 1 14 ? -2.380  -1.630  -6.335  1.00 0.00 ? 252 GLU A HG2  1 
ATOM 227 H HG3  . GLU A 1 14 ? -2.064  -0.663  -7.773  1.00 0.00 ? 252 GLU A HG3  1 
ATOM 228 N N    . LEU A 1 15 ? -5.182  -1.895  -6.368  1.00 0.00 ? 253 LEU A N    1 
ATOM 229 C CA   . LEU A 1 15 ? -6.272  -2.711  -6.878  1.00 0.00 ? 253 LEU A CA   1 
ATOM 230 C C    . LEU A 1 15 ? -6.089  -4.181  -6.504  1.00 0.00 ? 253 LEU A C    1 
ATOM 231 O O    . LEU A 1 15 ? -7.059  -4.938  -6.457  1.00 0.00 ? 253 LEU A O    1 
ATOM 232 C CB   . LEU A 1 15 ? -6.371  -2.571  -8.397  1.00 0.00 ? 253 LEU A CB   1 
ATOM 233 C CG   . LEU A 1 15 ? -7.459  -3.420  -9.059  1.00 0.00 ? 253 LEU A CG   1 
ATOM 234 C CD1  . LEU A 1 15 ? -8.833  -2.834  -8.783  1.00 0.00 ? 253 LEU A CD1  1 
ATOM 235 C CD2  . LEU A 1 15 ? -7.212  -3.527  -10.556 1.00 0.00 ? 253 LEU A CD2  1 
ATOM 236 H H    . LEU A 1 15 ? -4.268  -2.095  -6.658  1.00 0.00 ? 253 LEU A H    1 
ATOM 237 H HA   . LEU A 1 15 ? -7.189  -2.352  -6.434  1.00 0.00 ? 253 LEU A HA   1 
ATOM 238 H HB2  . LEU A 1 15 ? -6.562  -1.533  -8.630  1.00 0.00 ? 253 LEU A HB2  1 
ATOM 239 H HB3  . LEU A 1 15 ? -5.420  -2.848  -8.826  1.00 0.00 ? 253 LEU A HB3  1 
ATOM 240 H HG   . LEU A 1 15 ? -7.430  -4.417  -8.642  1.00 0.00 ? 253 LEU A HG   1 
ATOM 241 H HD11 . LEU A 1 15 ? -8.790  -2.213  -7.900  1.00 0.00 ? 253 LEU A HD11 1 
ATOM 242 H HD12 . LEU A 1 15 ? -9.541  -3.634  -8.625  1.00 0.00 ? 253 LEU A HD12 1 
ATOM 243 H HD13 . LEU A 1 15 ? -9.146  -2.237  -9.627  1.00 0.00 ? 253 LEU A HD13 1 
ATOM 244 H HD21 . LEU A 1 15 ? -6.866  -2.576  -10.934 1.00 0.00 ? 253 LEU A HD21 1 
ATOM 245 H HD22 . LEU A 1 15 ? -8.132  -3.798  -11.054 1.00 0.00 ? 253 LEU A HD22 1 
ATOM 246 H HD23 . LEU A 1 15 ? -6.465  -4.283  -10.745 1.00 0.00 ? 253 LEU A HD23 1 
ATOM 247 N N    . SER A 1 16 ? -4.842  -4.592  -6.251  1.00 0.00 ? 254 SER A N    1 
ATOM 248 C CA   . SER A 1 16 ? -4.568  -5.977  -5.902  1.00 0.00 ? 254 SER A CA   1 
ATOM 249 C C    . SER A 1 16 ? -5.089  -6.304  -4.514  1.00 0.00 ? 254 SER A C    1 
ATOM 250 O O    . SER A 1 16 ? -5.429  -7.453  -4.230  1.00 0.00 ? 254 SER A O    1 
ATOM 251 C CB   . SER A 1 16 ? -3.070  -6.268  -5.979  1.00 0.00 ? 254 SER A CB   1 
ATOM 252 O OG   . SER A 1 16 ? -2.822  -7.662  -6.010  1.00 0.00 ? 254 SER A OG   1 
ATOM 253 H H    . SER A 1 16 ? -4.096  -3.955  -6.305  1.00 0.00 ? 254 SER A H    1 
ATOM 254 H HA   . SER A 1 16 ? -5.080  -6.602  -6.618  1.00 0.00 ? 254 SER A HA   1 
ATOM 255 H HB2  . SER A 1 16 ? -2.666  -5.824  -6.877  1.00 0.00 ? 254 SER A HB2  1 
ATOM 256 H HB3  . SER A 1 16 ? -2.578  -5.846  -5.116  1.00 0.00 ? 254 SER A HB3  1 
ATOM 257 H HG   . SER A 1 16 ? -2.045  -7.837  -6.546  1.00 0.00 ? 254 SER A HG   1 
ATOM 258 N N    . LEU A 1 17 ? -5.153  -5.302  -3.640  1.00 0.00 ? 255 LEU A N    1 
ATOM 259 C CA   . LEU A 1 17 ? -5.642  -5.532  -2.288  1.00 0.00 ? 255 LEU A CA   1 
ATOM 260 C C    . LEU A 1 17 ? -7.166  -5.588  -2.271  1.00 0.00 ? 255 LEU A C    1 
ATOM 261 O O    . LEU A 1 17 ? -7.819  -5.220  -3.248  1.00 0.00 ? 255 LEU A O    1 
ATOM 262 C CB   . LEU A 1 17 ? -5.132  -4.443  -1.343  1.00 0.00 ? 255 LEU A CB   1 
ATOM 263 C CG   . LEU A 1 17 ? -3.716  -4.655  -0.791  1.00 0.00 ? 255 LEU A CG   1 
ATOM 264 C CD1  . LEU A 1 17 ? -3.449  -3.705  0.367   1.00 0.00 ? 255 LEU A CD1  1 
ATOM 265 C CD2  . LEU A 1 17 ? -3.505  -6.100  -0.352  1.00 0.00 ? 255 LEU A CD2  1 
ATOM 266 H H    . LEU A 1 17 ? -4.868  -4.391  -3.905  1.00 0.00 ? 255 LEU A H    1 
ATOM 267 H HA   . LEU A 1 17 ? -5.262  -6.487  -1.964  1.00 0.00 ? 255 LEU A HA   1 
ATOM 268 H HB2  . LEU A 1 17 ? -5.146  -3.505  -1.877  1.00 0.00 ? 255 LEU A HB2  1 
ATOM 269 H HB3  . LEU A 1 17 ? -5.813  -4.370  -0.509  1.00 0.00 ? 255 LEU A HB3  1 
ATOM 270 H HG   . LEU A 1 17 ? -3.000  -4.436  -1.570  1.00 0.00 ? 255 LEU A HG   1 
ATOM 271 H HD11 . LEU A 1 17 ? -2.385  -3.559  0.475   1.00 0.00 ? 255 LEU A HD11 1 
ATOM 272 H HD12 . LEU A 1 17 ? -3.847  -4.126  1.277   1.00 0.00 ? 255 LEU A HD12 1 
ATOM 273 H HD13 . LEU A 1 17 ? -3.924  -2.755  0.171   1.00 0.00 ? 255 LEU A HD13 1 
ATOM 274 H HD21 . LEU A 1 17 ? -2.887  -6.609  -1.075  1.00 0.00 ? 255 LEU A HD21 1 
ATOM 275 H HD22 . LEU A 1 17 ? -4.459  -6.599  -0.281  1.00 0.00 ? 255 LEU A HD22 1 
ATOM 276 H HD23 . LEU A 1 17 ? -3.018  -6.117  0.613   1.00 0.00 ? 255 LEU A HD23 1 
ATOM 277 N N    . SER A 1 18 ? -7.731  -6.052  -1.161  1.00 0.00 ? 256 SER A N    1 
ATOM 278 C CA   . SER A 1 18 ? -9.164  -6.160  -1.017  1.00 0.00 ? 256 SER A CA   1 
ATOM 279 C C    . SER A 1 18 ? -9.686  -5.058  -0.105  1.00 0.00 ? 256 SER A C    1 
ATOM 280 O O    . SER A 1 18 ? -9.032  -4.037  0.092   1.00 0.00 ? 256 SER A O    1 
ATOM 281 C CB   . SER A 1 18 ? -9.534  -7.538  -0.461  1.00 0.00 ? 256 SER A CB   1 
ATOM 282 O OG   . SER A 1 18 ? -10.911 -7.813  -0.653  1.00 0.00 ? 256 SER A OG   1 
ATOM 283 H H    . SER A 1 18 ? -7.179  -6.332  -0.411  1.00 0.00 ? 256 SER A H    1 
ATOM 284 H HA   . SER A 1 18 ? -9.607  -6.044  -1.994  1.00 0.00 ? 256 SER A HA   1 
ATOM 285 H HB2  . SER A 1 18 ? -8.955  -8.296  -0.968  1.00 0.00 ? 256 SER A HB2  1 
ATOM 286 H HB3  . SER A 1 18 ? -9.316  -7.567  0.597   1.00 0.00 ? 256 SER A HB3  1 
ATOM 287 H HG   . SER A 1 18 ? -11.144 -7.653  -1.570  1.00 0.00 ? 256 SER A HG   1 
ATOM 288 N N    . SER A 1 19 ? -10.870 -5.272  0.433   1.00 0.00 ? 257 SER A N    1 
ATOM 289 C CA   . SER A 1 19 ? -11.505 -4.299  1.316   1.00 0.00 ? 257 SER A CA   1 
ATOM 290 C C    . SER A 1 19 ? -10.695 -4.075  2.592   1.00 0.00 ? 257 SER A C    1 
ATOM 291 O O    . SER A 1 19 ? -10.321 -2.945  2.904   1.00 0.00 ? 257 SER A O    1 
ATOM 292 C CB   . SER A 1 19 ? -12.919 -4.759  1.676   1.00 0.00 ? 257 SER A CB   1 
ATOM 293 O OG   . SER A 1 19 ? -12.886 -5.842  2.590   1.00 0.00 ? 257 SER A OG   1 
ATOM 294 H H    . SER A 1 19 ? -11.329 -6.105  0.227   1.00 0.00 ? 257 SER A H    1 
ATOM 295 H HA   . SER A 1 19 ? -11.571 -3.365  0.781   1.00 0.00 ? 257 SER A HA   1 
ATOM 296 H HB2  . SER A 1 19 ? -13.458 -3.940  2.128   1.00 0.00 ? 257 SER A HB2  1 
ATOM 297 H HB3  . SER A 1 19 ? -13.431 -5.076  0.779   1.00 0.00 ? 257 SER A HB3  1 
ATOM 298 H HG   . SER A 1 19 ? -12.969 -6.669  2.109   1.00 0.00 ? 257 SER A HG   1 
ATOM 299 N N    . GLN A 1 20 ? -10.435 -5.149  3.335   1.00 0.00 ? 258 GLN A N    1 
ATOM 300 C CA   . GLN A 1 20 ? -9.679  -5.050  4.581   1.00 0.00 ? 258 GLN A CA   1 
ATOM 301 C C    . GLN A 1 20 ? -8.190  -4.881  4.331   1.00 0.00 ? 258 GLN A C    1 
ATOM 302 O O    . GLN A 1 20 ? -7.488  -4.263  5.129   1.00 0.00 ? 258 GLN A O    1 
ATOM 303 C CB   . GLN A 1 20 ? -9.891  -6.285  5.446   1.00 0.00 ? 258 GLN A CB   1 
ATOM 304 C CG   . GLN A 1 20 ? -11.223 -6.301  6.179   1.00 0.00 ? 258 GLN A CG   1 
ATOM 305 C CD   . GLN A 1 20 ? -11.060 -6.278  7.687   1.00 0.00 ? 258 GLN A CD   1 
ATOM 306 O OE1  . GLN A 1 20 ? -11.098 -7.320  8.343   1.00 0.00 ? 258 GLN A OE1  1 
ATOM 307 N NE2  . GLN A 1 20 ? -10.878 -5.087  8.244   1.00 0.00 ? 258 GLN A NE2  1 
ATOM 308 H H    . GLN A 1 20 ? -10.763 -6.025  3.044   1.00 0.00 ? 258 GLN A H    1 
ATOM 309 H HA   . GLN A 1 20 ? -10.040 -4.185  5.117   1.00 0.00 ? 258 GLN A HA   1 
ATOM 310 H HB2  . GLN A 1 20 ? -9.834  -7.162  4.820   1.00 0.00 ? 258 GLN A HB2  1 
ATOM 311 H HB3  . GLN A 1 20 ? -9.096  -6.325  6.180   1.00 0.00 ? 258 GLN A HB3  1 
ATOM 312 H HG2  . GLN A 1 20 ? -11.792 -5.434  5.881   1.00 0.00 ? 258 GLN A HG2  1 
ATOM 313 H HG3  . GLN A 1 20 ? -11.760 -7.196  5.902   1.00 0.00 ? 258 GLN A HG3  1 
ATOM 314 H HE21 . GLN A 1 20 ? -10.860 -4.300  7.659   1.00 0.00 ? 258 GLN A HE21 1 
ATOM 315 H HE22 . GLN A 1 20 ? -10.770 -5.043  9.217   1.00 0.00 ? 258 GLN A HE22 1 
ATOM 316 N N    . ASP A 1 21 ? -7.705  -5.434  3.229   1.00 0.00 ? 259 ASP A N    1 
ATOM 317 C CA   . ASP A 1 21 ? -6.292  -5.333  2.905   1.00 0.00 ? 259 ASP A CA   1 
ATOM 318 C C    . ASP A 1 21 ? -5.927  -3.886  2.605   1.00 0.00 ? 259 ASP A C    1 
ATOM 319 O O    . ASP A 1 21 ? -4.996  -3.340  3.195   1.00 0.00 ? 259 ASP A O    1 
ATOM 320 C CB   . ASP A 1 21 ? -5.948  -6.236  1.722   1.00 0.00 ? 259 ASP A CB   1 
ATOM 321 C CG   . ASP A 1 21 ? -4.863  -7.240  2.061   1.00 0.00 ? 259 ASP A CG   1 
ATOM 322 O OD1  . ASP A 1 21 ? -4.038  -6.945  2.950   1.00 0.00 ? 259 ASP A OD1  1 
ATOM 323 O OD2  . ASP A 1 21 ? -4.841  -8.322  1.438   1.00 0.00 ? 259 ASP A OD2  1 
ATOM 324 H H    . ASP A 1 21 ? -8.308  -5.910  2.620   1.00 0.00 ? 259 ASP A H    1 
ATOM 325 H HA   . ASP A 1 21 ? -5.733  -5.658  3.770   1.00 0.00 ? 259 ASP A HA   1 
ATOM 326 H HB2  . ASP A 1 21 ? -6.833  -6.778  1.423   1.00 0.00 ? 259 ASP A HB2  1 
ATOM 327 H HB3  . ASP A 1 21 ? -5.608  -5.628  0.899   1.00 0.00 ? 259 ASP A HB3  1 
ATOM 328 N N    . LEU A 1 22 ? -6.679  -3.259  1.707   1.00 0.00 ? 260 LEU A N    1 
ATOM 329 C CA   . LEU A 1 22 ? -6.436  -1.865  1.362   1.00 0.00 ? 260 LEU A CA   1 
ATOM 330 C C    . LEU A 1 22 ? -6.667  -0.983  2.584   1.00 0.00 ? 260 LEU A C    1 
ATOM 331 O O    . LEU A 1 22 ? -6.023  0.052   2.748   1.00 0.00 ? 260 LEU A O    1 
ATOM 332 C CB   . LEU A 1 22 ? -7.340  -1.420  0.207   1.00 0.00 ? 260 LEU A CB   1 
ATOM 333 C CG   . LEU A 1 22 ? -6.672  -1.397  -1.175  1.00 0.00 ? 260 LEU A CG   1 
ATOM 334 C CD1  . LEU A 1 22 ? -7.510  -2.162  -2.190  1.00 0.00 ? 260 LEU A CD1  1 
ATOM 335 C CD2  . LEU A 1 22 ? -6.454  0.038   -1.636  1.00 0.00 ? 260 LEU A CD2  1 
ATOM 336 H H    . LEU A 1 22 ? -7.420  -3.741  1.284   1.00 0.00 ? 260 LEU A H    1 
ATOM 337 H HA   . LEU A 1 22 ? -5.403  -1.774  1.058   1.00 0.00 ? 260 LEU A HA   1 
ATOM 338 H HB2  . LEU A 1 22 ? -8.187  -2.087  0.166   1.00 0.00 ? 260 LEU A HB2  1 
ATOM 339 H HB3  . LEU A 1 22 ? -7.701  -0.425  0.424   1.00 0.00 ? 260 LEU A HB3  1 
ATOM 340 H HG   . LEU A 1 22 ? -5.705  -1.878  -1.112  1.00 0.00 ? 260 LEU A HG   1 
ATOM 341 H HD11 . LEU A 1 22 ? -8.500  -2.327  -1.789  1.00 0.00 ? 260 LEU A HD11 1 
ATOM 342 H HD12 . LEU A 1 22 ? -7.042  -3.113  -2.398  1.00 0.00 ? 260 LEU A HD12 1 
ATOM 343 H HD13 . LEU A 1 22 ? -7.582  -1.590  -3.102  1.00 0.00 ? 260 LEU A HD13 1 
ATOM 344 H HD21 . LEU A 1 22 ? -5.877  0.038   -2.549  1.00 0.00 ? 260 LEU A HD21 1 
ATOM 345 H HD22 . LEU A 1 22 ? -5.921  0.584   -0.872  1.00 0.00 ? 260 LEU A HD22 1 
ATOM 346 H HD23 . LEU A 1 22 ? -7.410  0.507   -1.815  1.00 0.00 ? 260 LEU A HD23 1 
ATOM 347 N N    . GLU A 1 23 ? -7.585  -1.409  3.451   1.00 0.00 ? 261 GLU A N    1 
ATOM 348 C CA   . GLU A 1 23 ? -7.889  -0.665  4.667   1.00 0.00 ? 261 GLU A CA   1 
ATOM 349 C C    . GLU A 1 23 ? -6.709  -0.727  5.631   1.00 0.00 ? 261 GLU A C    1 
ATOM 350 O O    . GLU A 1 23 ? -6.175  0.303   6.042   1.00 0.00 ? 261 GLU A O    1 
ATOM 351 C CB   . GLU A 1 23 ? -9.147  -1.225  5.339   1.00 0.00 ? 261 GLU A CB   1 
ATOM 352 C CG   . GLU A 1 23 ? -10.262 -0.203  5.489   1.00 0.00 ? 261 GLU A CG   1 
ATOM 353 C CD   . GLU A 1 23 ? -10.557 0.130   6.939   1.00 0.00 ? 261 GLU A CD   1 
ATOM 354 O OE1  . GLU A 1 23 ? -9.803  0.931   7.530   1.00 0.00 ? 261 GLU A OE1  1 
ATOM 355 O OE2  . GLU A 1 23 ? -11.542 -0.411  7.483   1.00 0.00 ? 261 GLU A OE2  1 
ATOM 356 H H    . GLU A 1 23 ? -8.061  -2.247  3.272   1.00 0.00 ? 261 GLU A H    1 
ATOM 357 H HA   . GLU A 1 23 ? -8.063  0.365   4.393   1.00 0.00 ? 261 GLU A HA   1 
ATOM 358 H HB2  . GLU A 1 23 ? -9.519  -2.047  4.748   1.00 0.00 ? 261 GLU A HB2  1 
ATOM 359 H HB3  . GLU A 1 23 ? -8.886  -1.589  6.322   1.00 0.00 ? 261 GLU A HB3  1 
ATOM 360 H HG2  . GLU A 1 23 ? -9.972  0.705   4.981   1.00 0.00 ? 261 GLU A HG2  1 
ATOM 361 H HG3  . GLU A 1 23 ? -11.159 -0.598  5.036   1.00 0.00 ? 261 GLU A HG3  1 
ATOM 362 N N    . LEU A 1 24 ? -6.296  -1.945  5.975   1.00 0.00 ? 262 LEU A N    1 
ATOM 363 C CA   . LEU A 1 24 ? -5.169  -2.144  6.875   1.00 0.00 ? 262 LEU A CA   1 
ATOM 364 C C    . LEU A 1 24 ? -3.916  -1.517  6.284   1.00 0.00 ? 262 LEU A C    1 
ATOM 365 O O    . LEU A 1 24 ? -3.071  -0.989  7.006   1.00 0.00 ? 262 LEU A O    1 
ATOM 366 C CB   . LEU A 1 24 ? -4.945  -3.636  7.131   1.00 0.00 ? 262 LEU A CB   1 
ATOM 367 C CG   . LEU A 1 24 ? -4.689  -4.012  8.592   1.00 0.00 ? 262 LEU A CG   1 
ATOM 368 C CD1  . LEU A 1 24 ? -5.138  -5.439  8.863   1.00 0.00 ? 262 LEU A CD1  1 
ATOM 369 C CD2  . LEU A 1 24 ? -3.218  -3.838  8.937   1.00 0.00 ? 262 LEU A CD2  1 
ATOM 370 H H    . LEU A 1 24 ? -6.753  -2.729  5.609   1.00 0.00 ? 262 LEU A H    1 
ATOM 371 H HA   . LEU A 1 24 ? -5.395  -1.653  7.808   1.00 0.00 ? 262 LEU A HA   1 
ATOM 372 H HB2  . LEU A 1 24 ? -5.818  -4.174  6.790   1.00 0.00 ? 262 LEU A HB2  1 
ATOM 373 H HB3  . LEU A 1 24 ? -4.094  -3.959  6.547   1.00 0.00 ? 262 LEU A HB3  1 
ATOM 374 H HG   . LEU A 1 24 ? -5.264  -3.355  9.230   1.00 0.00 ? 262 LEU A HG   1 
ATOM 375 H HD11 . LEU A 1 24 ? -5.139  -5.620  9.927   1.00 0.00 ? 262 LEU A HD11 1 
ATOM 376 H HD12 . LEU A 1 24 ? -4.458  -6.126  8.382   1.00 0.00 ? 262 LEU A HD12 1 
ATOM 377 H HD13 . LEU A 1 24 ? -6.134  -5.584  8.471   1.00 0.00 ? 262 LEU A HD13 1 
ATOM 378 H HD21 . LEU A 1 24 ? -2.828  -2.972  8.423   1.00 0.00 ? 262 LEU A HD21 1 
ATOM 379 H HD22 . LEU A 1 24 ? -2.670  -4.716  8.631   1.00 0.00 ? 262 LEU A HD22 1 
ATOM 380 H HD23 . LEU A 1 24 ? -3.112  -3.701  10.003  1.00 0.00 ? 262 LEU A HD23 1 
ATOM 381 N N    . VAL A 1 25 ? -3.819  -1.552  4.959   1.00 0.00 ? 263 VAL A N    1 
ATOM 382 C CA   . VAL A 1 25 ? -2.682  -0.954  4.270   1.00 0.00 ? 263 VAL A CA   1 
ATOM 383 C C    . VAL A 1 25 ? -2.806  0.564   4.309   1.00 0.00 ? 263 VAL A C    1 
ATOM 384 O O    . VAL A 1 25 ? -1.816  1.281   4.454   1.00 0.00 ? 263 VAL A O    1 
ATOM 385 C CB   . VAL A 1 25 ? -2.568  -1.455  2.812   1.00 0.00 ? 263 VAL A CB   1 
ATOM 386 C CG1  . VAL A 1 25 ? -2.999  -0.395  1.805   1.00 0.00 ? 263 VAL A CG1  1 
ATOM 387 C CG2  . VAL A 1 25 ? -1.151  -1.927  2.520   1.00 0.00 ? 263 VAL A CG2  1 
ATOM 388 H H    . VAL A 1 25 ? -4.543  -1.964  4.433   1.00 0.00 ? 263 VAL A H    1 
ATOM 389 H HA   . VAL A 1 25 ? -1.785  -1.242  4.802   1.00 0.00 ? 263 VAL A HA   1 
ATOM 390 H HB   . VAL A 1 25 ? -3.227  -2.298  2.706   1.00 0.00 ? 263 VAL A HB   1 
ATOM 391 H HG11 . VAL A 1 25 ? -2.243  0.374   1.746   1.00 0.00 ? 263 VAL A HG11 1 
ATOM 392 H HG12 . VAL A 1 25 ? -3.933  0.043   2.121   1.00 0.00 ? 263 VAL A HG12 1 
ATOM 393 H HG13 . VAL A 1 25 ? -3.126  -0.850  0.835   1.00 0.00 ? 263 VAL A HG13 1 
ATOM 394 H HG21 . VAL A 1 25 ? -0.656  -2.174  3.447   1.00 0.00 ? 263 VAL A HG21 1 
ATOM 395 H HG22 . VAL A 1 25 ? -0.607  -1.140  2.018   1.00 0.00 ? 263 VAL A HG22 1 
ATOM 396 H HG23 . VAL A 1 25 ? -1.186  -2.801  1.887   1.00 0.00 ? 263 VAL A HG23 1 
ATOM 397 N N    . THR A 1 26 ? -4.043  1.041   4.210   1.00 0.00 ? 264 THR A N    1 
ATOM 398 C CA   . THR A 1 26 ? -4.316  2.469   4.270   1.00 0.00 ? 264 THR A CA   1 
ATOM 399 C C    . THR A 1 26 ? -3.889  3.016   5.632   1.00 0.00 ? 264 THR A C    1 
ATOM 400 O O    . THR A 1 26 ? -3.710  4.223   5.803   1.00 0.00 ? 264 THR A O    1 
ATOM 401 C CB   . THR A 1 26 ? -5.804  2.746   4.025   1.00 0.00 ? 264 THR A CB   1 
ATOM 402 O OG1  . THR A 1 26 ? -6.145  2.484   2.676   1.00 0.00 ? 264 THR A OG1  1 
ATOM 403 C CG2  . THR A 1 26 ? -6.214  4.173   4.327   1.00 0.00 ? 264 THR A CG2  1 
ATOM 404 H H    . THR A 1 26 ? -4.783  0.405   4.121   1.00 0.00 ? 264 THR A H    1 
ATOM 405 H HA   . THR A 1 26 ? -3.732  2.953   3.500   1.00 0.00 ? 264 THR A HA   1 
ATOM 406 H HB   . THR A 1 26 ? -6.389  2.093   4.656   1.00 0.00 ? 264 THR A HB   1 
ATOM 407 H HG1  . THR A 1 26 ? -7.071  2.236   2.622   1.00 0.00 ? 264 THR A HG1  1 
ATOM 408 H HG21 . THR A 1 26 ? -6.875  4.529   3.551   1.00 0.00 ? 264 THR A HG21 1 
ATOM 409 H HG22 . THR A 1 26 ? -5.334  4.799   4.366   1.00 0.00 ? 264 THR A HG22 1 
ATOM 410 H HG23 . THR A 1 26 ? -6.723  4.208   5.279   1.00 0.00 ? 264 THR A HG23 1 
ATOM 411 N N    . LYS A 1 27 ? -3.712  2.109   6.594   1.00 0.00 ? 265 LYS A N    1 
ATOM 412 C CA   . LYS A 1 27 ? -3.293  2.472   7.932   1.00 0.00 ? 265 LYS A CA   1 
ATOM 413 C C    . LYS A 1 27 ? -1.812  2.178   8.088   1.00 0.00 ? 265 LYS A C    1 
ATOM 414 O O    . LYS A 1 27 ? -1.213  2.480   9.120   1.00 0.00 ? 265 LYS A O    1 
ATOM 415 C CB   . LYS A 1 27 ? -4.103  1.699   8.977   1.00 0.00 ? 265 LYS A CB   1 
ATOM 416 C CG   . LYS A 1 27 ? -4.985  2.585   9.840   1.00 0.00 ? 265 LYS A CG   1 
ATOM 417 C CD   . LYS A 1 27 ? -5.869  1.760   10.762  1.00 0.00 ? 265 LYS A CD   1 
ATOM 418 C CE   . LYS A 1 27 ? -7.061  2.562   11.260  1.00 0.00 ? 265 LYS A CE   1 
ATOM 419 N NZ   . LYS A 1 27 ? -7.190  2.499   12.743  1.00 0.00 ? 265 LYS A NZ   1 
ATOM 420 H H    . LYS A 1 27 ? -3.858  1.167   6.395   1.00 0.00 ? 265 LYS A H    1 
ATOM 421 H HA   . LYS A 1 27 ? -3.459  3.531   8.061   1.00 0.00 ? 265 LYS A HA   1 
ATOM 422 H HB2  . LYS A 1 27 ? -4.734  0.985   8.469   1.00 0.00 ? 265 LYS A HB2  1 
ATOM 423 H HB3  . LYS A 1 27 ? -3.421  1.166   9.625   1.00 0.00 ? 265 LYS A HB3  1 
ATOM 424 H HG2  . LYS A 1 27 ? -4.358  3.228   10.440  1.00 0.00 ? 265 LYS A HG2  1 
ATOM 425 H HG3  . LYS A 1 27 ? -5.612  3.187   9.198   1.00 0.00 ? 265 LYS A HG3  1 
ATOM 426 H HD2  . LYS A 1 27 ? -6.230  0.898   10.221  1.00 0.00 ? 265 LYS A HD2  1 
ATOM 427 H HD3  . LYS A 1 27 ? -5.284  1.436   11.610  1.00 0.00 ? 265 LYS A HD3  1 
ATOM 428 H HE2  . LYS A 1 27 ? -6.937  3.593   10.963  1.00 0.00 ? 265 LYS A HE2  1 
ATOM 429 H HE3  . LYS A 1 27 ? -7.959  2.165   10.811  1.00 0.00 ? 265 LYS A HE3  1 
ATOM 430 H HZ1  . LYS A 1 27 ? -8.130  2.838   13.034  1.00 0.00 ? 265 LYS A HZ1  1 
ATOM 431 H HZ2  . LYS A 1 27 ? -6.465  3.095   13.191  1.00 0.00 ? 265 LYS A HZ2  1 
ATOM 432 H HZ3  . LYS A 1 27 ? -7.070  1.520   13.071  1.00 0.00 ? 265 LYS A HZ3  1 
ATOM 433 N N    . GLU A 1 28 ? -1.218  1.614   7.036   1.00 0.00 ? 266 GLU A N    1 
ATOM 434 C CA   . GLU A 1 28 ? 0.196   1.320   7.047   1.00 0.00 ? 266 GLU A CA   1 
ATOM 435 C C    . GLU A 1 28 ? 0.948   2.631   6.943   1.00 0.00 ? 266 GLU A C    1 
ATOM 436 O O    . GLU A 1 28 ? 1.467   2.995   5.891   1.00 0.00 ? 266 GLU A O    1 
ATOM 437 C CB   . GLU A 1 28 ? 0.570   0.384   5.894   1.00 0.00 ? 266 GLU A CB   1 
ATOM 438 C CG   . GLU A 1 28 ? 1.468   -0.768  6.315   1.00 0.00 ? 266 GLU A CG   1 
ATOM 439 C CD   . GLU A 1 28 ? 0.875   -2.123  5.982   1.00 0.00 ? 266 GLU A CD   1 
ATOM 440 O OE1  . GLU A 1 28 ? -0.035  -2.569  6.712   1.00 0.00 ? 266 GLU A OE1  1 
ATOM 441 O OE2  . GLU A 1 28 ? 1.320   -2.738  4.990   1.00 0.00 ? 266 GLU A OE2  1 
ATOM 442 H H    . GLU A 1 28 ? -1.738  1.427   6.231   1.00 0.00 ? 266 GLU A H    1 
ATOM 443 H HA   . GLU A 1 28 ? 0.435   0.847   7.989   1.00 0.00 ? 266 GLU A HA   1 
ATOM 444 H HB2  . GLU A 1 28 ? -0.335  -0.027  5.473   1.00 0.00 ? 266 GLU A HB2  1 
ATOM 445 H HB3  . GLU A 1 28 ? 1.083   0.954   5.134   1.00 0.00 ? 266 GLU A HB3  1 
ATOM 446 H HG2  . GLU A 1 28 ? 2.416   -0.673  5.807   1.00 0.00 ? 266 GLU A HG2  1 
ATOM 447 H HG3  . GLU A 1 28 ? 1.625   -0.713  7.383   1.00 0.00 ? 266 GLU A HG3  1 
ATOM 448 N N    . ASP A 1 29 ? 0.945   3.351   8.049   1.00 0.00 ? 267 ASP A N    1 
ATOM 449 C CA   . ASP A 1 29 ? 1.573   4.665   8.116   1.00 0.00 ? 267 ASP A CA   1 
ATOM 450 C C    . ASP A 1 29 ? 3.038   4.594   7.691   1.00 0.00 ? 267 ASP A C    1 
ATOM 451 O O    . ASP A 1 29 ? 3.681   3.552   7.805   1.00 0.00 ? 267 ASP A O    1 
ATOM 452 C CB   . ASP A 1 29 ? 1.470   5.230   9.534   1.00 0.00 ? 267 ASP A CB   1 
ATOM 453 C CG   . ASP A 1 29 ? 0.079   5.743   9.851   1.00 0.00 ? 267 ASP A CG   1 
ATOM 454 O OD1  . ASP A 1 29 ? -0.862  4.922   9.895   1.00 0.00 ? 267 ASP A OD1  1 
ATOM 455 O OD2  . ASP A 1 29 ? -0.070  6.967   10.055  1.00 0.00 ? 267 ASP A OD2  1 
ATOM 456 H H    . ASP A 1 29 ? 0.440   2.998   8.814   1.00 0.00 ? 267 ASP A H    1 
ATOM 457 H HA   . ASP A 1 29 ? 1.046   5.319   7.440   1.00 0.00 ? 267 ASP A HA   1 
ATOM 458 H HB2  . ASP A 1 29 ? 1.717   4.455   10.243  1.00 0.00 ? 267 ASP A HB2  1 
ATOM 459 H HB3  . ASP A 1 29 ? 2.168   6.047   9.642   1.00 0.00 ? 267 ASP A HB3  1 
ATOM 460 N N    . PRO A 1 30 ? 3.569   5.714   7.163   1.00 0.00 ? 268 PRO A N    1 
ATOM 461 C CA   . PRO A 1 30 ? 4.949   5.796   6.676   1.00 0.00 ? 268 PRO A CA   1 
ATOM 462 C C    . PRO A 1 30 ? 5.960   5.149   7.611   1.00 0.00 ? 268 PRO A C    1 
ATOM 463 O O    . PRO A 1 30 ? 7.018   4.697   7.175   1.00 0.00 ? 268 PRO A O    1 
ATOM 464 C CB   . PRO A 1 30 ? 5.189   7.302   6.597   1.00 0.00 ? 268 PRO A CB   1 
ATOM 465 C CG   . PRO A 1 30 ? 3.851   7.876   6.290   1.00 0.00 ? 268 PRO A CG   1 
ATOM 466 C CD   . PRO A 1 30 ? 2.844   6.987   6.970   1.00 0.00 ? 268 PRO A CD   1 
ATOM 467 H HA   . PRO A 1 30 ? 5.046   5.369   5.693   1.00 0.00 ? 268 PRO A HA   1 
ATOM 468 H HB2  . PRO A 1 30 ? 5.567   7.659   7.544   1.00 0.00 ? 268 PRO A HB2  1 
ATOM 469 H HB3  . PRO A 1 30 ? 5.901   7.516   5.814   1.00 0.00 ? 268 PRO A HB3  1 
ATOM 470 H HG2  . PRO A 1 30 ? 3.787   8.882   6.679   1.00 0.00 ? 268 PRO A HG2  1 
ATOM 471 H HG3  . PRO A 1 30 ? 3.690   7.877   5.222   1.00 0.00 ? 268 PRO A HG3  1 
ATOM 472 H HD2  . PRO A 1 30 ? 2.550   7.409   7.919   1.00 0.00 ? 268 PRO A HD2  1 
ATOM 473 H HD3  . PRO A 1 30 ? 1.980   6.845   6.337   1.00 0.00 ? 268 PRO A HD3  1 
ATOM 474 N N    . LYS A 1 31 ? 5.648   5.127   8.897   1.00 0.00 ? 269 LYS A N    1 
ATOM 475 C CA   . LYS A 1 31 ? 6.552   4.558   9.887   1.00 0.00 ? 269 LYS A CA   1 
ATOM 476 C C    . LYS A 1 31 ? 6.624   3.033   9.799   1.00 0.00 ? 269 LYS A C    1 
ATOM 477 O O    . LYS A 1 31 ? 7.708   2.445   9.908   1.00 0.00 ? 269 LYS A O    1 
ATOM 478 C CB   . LYS A 1 31 ? 6.117   4.974   11.293  1.00 0.00 ? 269 LYS A CB   1 
ATOM 479 C CG   . LYS A 1 31 ? 6.180   6.474   11.531  1.00 0.00 ? 269 LYS A CG   1 
ATOM 480 C CD   . LYS A 1 31 ? 4.907   7.166   11.068  1.00 0.00 ? 269 LYS A CD   1 
ATOM 481 C CE   . LYS A 1 31 ? 4.706   8.496   11.777  1.00 0.00 ? 269 LYS A CE   1 
ATOM 482 N NZ   . LYS A 1 31 ? 3.708   8.395   12.877  1.00 0.00 ? 269 LYS A NZ   1 
ATOM 483 H H    . LYS A 1 31 ? 4.801   5.526   9.196   1.00 0.00 ? 269 LYS A H    1 
ATOM 484 H HA   . LYS A 1 31 ? 7.536   4.959   9.698   1.00 0.00 ? 269 LYS A HA   1 
ATOM 485 H HB2  . LYS A 1 31 ? 5.100   4.648   11.454  1.00 0.00 ? 269 LYS A HB2  1 
ATOM 486 H HB3  . LYS A 1 31 ? 6.760   4.490   12.014  1.00 0.00 ? 269 LYS A HB3  1 
ATOM 487 H HG2  . LYS A 1 31 ? 6.313   6.657   12.586  1.00 0.00 ? 269 LYS A HG2  1 
ATOM 488 H HG3  . LYS A 1 31 ? 7.019   6.881   10.984  1.00 0.00 ? 269 LYS A HG3  1 
ATOM 489 H HD2  . LYS A 1 31 ? 4.970   7.342   10.005  1.00 0.00 ? 269 LYS A HD2  1 
ATOM 490 H HD3  . LYS A 1 31 ? 4.063   6.524   11.280  1.00 0.00 ? 269 LYS A HD3  1 
ATOM 491 H HE2  . LYS A 1 31 ? 5.651   8.817   12.189  1.00 0.00 ? 269 LYS A HE2  1 
ATOM 492 H HE3  . LYS A 1 31 ? 4.363   9.224   11.057  1.00 0.00 ? 269 LYS A HE3  1 
ATOM 493 H HZ1  . LYS A 1 31 ? 2.936   7.754   12.602  1.00 0.00 ? 269 LYS A HZ1  1 
ATOM 494 H HZ2  . LYS A 1 31 ? 3.307   9.332   13.084  1.00 0.00 ? 269 LYS A HZ2  1 
ATOM 495 H HZ3  . LYS A 1 31 ? 4.161   8.026   13.738  1.00 0.00 ? 269 LYS A HZ3  1 
ATOM 496 N N    . ALA A 1 32 ? 5.488   2.386   9.555   1.00 0.00 ? 270 ALA A N    1 
ATOM 497 C CA   . ALA A 1 32 ? 5.471   0.938   9.429   1.00 0.00 ? 270 ALA A CA   1 
ATOM 498 C C    . ALA A 1 32 ? 5.808   0.515   8.019   1.00 0.00 ? 270 ALA A C    1 
ATOM 499 O O    . ALA A 1 32 ? 6.698   -0.304  7.800   1.00 0.00 ? 270 ALA A O    1 
ATOM 500 C CB   . ALA A 1 32 ? 4.124   0.376   9.858   1.00 0.00 ? 270 ALA A CB   1 
ATOM 501 H H    . ALA A 1 32 ? 4.655   2.875   9.396   1.00 0.00 ? 270 ALA A H    1 
ATOM 502 H HA   . ALA A 1 32 ? 6.227   0.550   10.084  1.00 0.00 ? 270 ALA A HA   1 
ATOM 503 H HB1  . ALA A 1 32 ? 3.513   0.200   8.985   1.00 0.00 ? 270 ALA A HB1  1 
ATOM 504 H HB2  . ALA A 1 32 ? 3.629   1.083   10.507  1.00 0.00 ? 270 ALA A HB2  1 
ATOM 505 H HB3  . ALA A 1 32 ? 4.274   -0.554  10.387  1.00 0.00 ? 270 ALA A HB3  1 
ATOM 506 N N    . LEU A 1 33 ? 5.104   1.089   7.058   1.00 0.00 ? 271 LEU A N    1 
ATOM 507 C CA   . LEU A 1 33 ? 5.357   0.778   5.670   1.00 0.00 ? 271 LEU A CA   1 
ATOM 508 C C    . LEU A 1 33 ? 6.837   0.958   5.393   1.00 0.00 ? 271 LEU A C    1 
ATOM 509 O O    . LEU A 1 33 ? 7.443   0.170   4.677   1.00 0.00 ? 271 LEU A O    1 
ATOM 510 C CB   . LEU A 1 33 ? 4.514   1.661   4.740   1.00 0.00 ? 271 LEU A CB   1 
ATOM 511 C CG   . LEU A 1 33 ? 4.701   3.169   4.913   1.00 0.00 ? 271 LEU A CG   1 
ATOM 512 C CD1  . LEU A 1 33 ? 5.951   3.642   4.188   1.00 0.00 ? 271 LEU A CD1  1 
ATOM 513 C CD2  . LEU A 1 33 ? 3.477   3.920   4.407   1.00 0.00 ? 271 LEU A CD2  1 
ATOM 514 H H    . LEU A 1 33 ? 4.420   1.739   7.288   1.00 0.00 ? 271 LEU A H    1 
ATOM 515 H HA   . LEU A 1 33 ? 5.095   -0.259  5.510   1.00 0.00 ? 271 LEU A HA   1 
ATOM 516 H HB2  . LEU A 1 33 ? 4.759   1.406   3.720   1.00 0.00 ? 271 LEU A HB2  1 
ATOM 517 H HB3  . LEU A 1 33 ? 3.473   1.430   4.909   1.00 0.00 ? 271 LEU A HB3  1 
ATOM 518 H HG   . LEU A 1 33 ? 4.822   3.391   5.962   1.00 0.00 ? 271 LEU A HG   1 
ATOM 519 H HD11 . LEU A 1 33 ? 6.529   4.276   4.845   1.00 0.00 ? 271 LEU A HD11 1 
ATOM 520 H HD12 . LEU A 1 33 ? 5.667   4.200   3.308   1.00 0.00 ? 271 LEU A HD12 1 
ATOM 521 H HD13 . LEU A 1 33 ? 6.544   2.791   3.897   1.00 0.00 ? 271 LEU A HD13 1 
ATOM 522 H HD21 . LEU A 1 33 ? 3.763   4.577   3.599   1.00 0.00 ? 271 LEU A HD21 1 
ATOM 523 H HD22 . LEU A 1 33 ? 3.056   4.505   5.212   1.00 0.00 ? 271 LEU A HD22 1 
ATOM 524 H HD23 . LEU A 1 33 ? 2.739   3.215   4.054   1.00 0.00 ? 271 LEU A HD23 1 
ATOM 525 N N    . ALA A 1 34 ? 7.431   2.002   5.971   1.00 0.00 ? 272 ALA A N    1 
ATOM 526 C CA   . ALA A 1 34 ? 8.849   2.257   5.767   1.00 0.00 ? 272 ALA A CA   1 
ATOM 527 C C    . ALA A 1 34 ? 9.644   0.980   5.959   1.00 0.00 ? 272 ALA A C    1 
ATOM 528 O O    . ALA A 1 34 ? 10.256  0.474   5.021   1.00 0.00 ? 272 ALA A O    1 
ATOM 529 C CB   . ALA A 1 34 ? 9.337   3.338   6.721   1.00 0.00 ? 272 ALA A CB   1 
ATOM 530 H H    . ALA A 1 34 ? 6.921   2.627   6.532   1.00 0.00 ? 272 ALA A H    1 
ATOM 531 H HA   . ALA A 1 34 ? 8.986   2.610   4.755   1.00 0.00 ? 272 ALA A HA   1 
ATOM 532 H HB1  . ALA A 1 34 ? 8.742   3.319   7.621   1.00 0.00 ? 272 ALA A HB1  1 
ATOM 533 H HB2  . ALA A 1 34 ? 9.245   4.304   6.248   1.00 0.00 ? 272 ALA A HB2  1 
ATOM 534 H HB3  . ALA A 1 34 ? 10.373  3.157   6.971   1.00 0.00 ? 272 ALA A HB3  1 
ATOM 535 N N    . VAL A 1 35 ? 9.637   0.461   7.182   1.00 0.00 ? 273 VAL A N    1 
ATOM 536 C CA   . VAL A 1 35 ? 10.376  -0.764  7.454   1.00 0.00 ? 273 VAL A CA   1 
ATOM 537 C C    . VAL A 1 35 ? 9.928   -1.881  6.501   1.00 0.00 ? 273 VAL A C    1 
ATOM 538 O O    . VAL A 1 35 ? 10.737  -2.384  5.720   1.00 0.00 ? 273 VAL A O    1 
ATOM 539 C CB   . VAL A 1 35 ? 10.255  -1.221  8.932   1.00 0.00 ? 273 VAL A CB   1 
ATOM 540 C CG1  . VAL A 1 35 ? 8.817   -1.153  9.424   1.00 0.00 ? 273 VAL A CG1  1 
ATOM 541 C CG2  . VAL A 1 35 ? 10.821  -2.622  9.117   1.00 0.00 ? 273 VAL A CG2  1 
ATOM 542 H H    . VAL A 1 35 ? 9.145   0.931   7.890   1.00 0.00 ? 273 VAL A H    1 
ATOM 543 H HA   . VAL A 1 35 ? 11.419  -0.551  7.250   1.00 0.00 ? 273 VAL A HA   1 
ATOM 544 H HB   . VAL A 1 35 ? 10.841  -0.544  9.537   1.00 0.00 ? 273 VAL A HB   1 
ATOM 545 H HG11 . VAL A 1 35 ? 8.260   -1.989  9.029   1.00 0.00 ? 273 VAL A HG11 1 
ATOM 546 H HG12 . VAL A 1 35 ? 8.366   -0.231  9.097   1.00 0.00 ? 273 VAL A HG12 1 
ATOM 547 H HG13 . VAL A 1 35 ? 8.805   -1.193  10.502  1.00 0.00 ? 273 VAL A HG13 1 
ATOM 548 H HG21 . VAL A 1 35 ? 11.836  -2.652  8.750   1.00 0.00 ? 273 VAL A HG21 1 
ATOM 549 H HG22 . VAL A 1 35 ? 10.219  -3.330  8.566   1.00 0.00 ? 273 VAL A HG22 1 
ATOM 550 H HG23 . VAL A 1 35 ? 10.810  -2.879  10.166  1.00 0.00 ? 273 VAL A HG23 1 
ATOM 551 N N    . ALA A 1 36 ? 8.653   -2.281  6.559   1.00 0.00 ? 274 ALA A N    1 
ATOM 552 C CA   . ALA A 1 36 ? 8.149   -3.352  5.689   1.00 0.00 ? 274 ALA A CA   1 
ATOM 553 C C    . ALA A 1 36 ? 8.424   -3.079  4.218   1.00 0.00 ? 274 ALA A C    1 
ATOM 554 O O    . ALA A 1 36 ? 8.336   -3.983  3.387   1.00 0.00 ? 274 ALA A O    1 
ATOM 555 C CB   . ALA A 1 36 ? 6.660   -3.560  5.919   1.00 0.00 ? 274 ALA A CB   1 
ATOM 556 H H    . ALA A 1 36 ? 8.037   -1.894  7.223   1.00 0.00 ? 274 ALA A H    1 
ATOM 557 H HA   . ALA A 1 36 ? 8.657   -4.262  5.954   1.00 0.00 ? 274 ALA A HA   1 
ATOM 558 H HB1  . ALA A 1 36 ? 6.129   -2.650  5.683   1.00 0.00 ? 274 ALA A HB1  1 
ATOM 559 H HB2  . ALA A 1 36 ? 6.489   -3.820  6.952   1.00 0.00 ? 274 ALA A HB2  1 
ATOM 560 H HB3  . ALA A 1 36 ? 6.306   -4.358  5.283   1.00 0.00 ? 274 ALA A HB3  1 
ATOM 561 N N    . LEU A 1 37 ? 8.771   -1.844  3.899   1.00 0.00 ? 275 LEU A N    1 
ATOM 562 C CA   . LEU A 1 37 ? 9.071   -1.483  2.542   1.00 0.00 ? 275 LEU A CA   1 
ATOM 563 C C    . LEU A 1 37 ? 10.382  -0.780  2.496   1.00 0.00 ? 275 LEU A C    1 
ATOM 564 O O    . LEU A 1 37 ? 10.562  0.156   1.733   1.00 0.00 ? 275 LEU A O    1 
ATOM 565 C CB   . LEU A 1 37 ? 7.968   -0.618  1.966   1.00 0.00 ? 275 LEU A CB   1 
ATOM 566 C CG   . LEU A 1 37 ? 6.642   -1.341  1.877   1.00 0.00 ? 275 LEU A CG   1 
ATOM 567 C CD1  . LEU A 1 37 ? 5.919   -1.280  3.210   1.00 0.00 ? 275 LEU A CD1  1 
ATOM 568 C CD2  . LEU A 1 37 ? 5.784   -0.757  0.769   1.00 0.00 ? 275 LEU A CD2  1 
ATOM 569 H H    . LEU A 1 37 ? 8.841   -1.173  4.603   1.00 0.00 ? 275 LEU A H    1 
ATOM 570 H HA   . LEU A 1 37 ? 9.148   -2.387  1.967   1.00 0.00 ? 275 LEU A HA   1 
ATOM 571 H HB2  . LEU A 1 37 ? 7.851   0.255   2.588   1.00 0.00 ? 275 LEU A HB2  1 
ATOM 572 H HB3  . LEU A 1 37 ? 8.255   -0.306  0.974   1.00 0.00 ? 275 LEU A HB3  1 
ATOM 573 H HG   . LEU A 1 37 ? 6.845   -2.378  1.653   1.00 0.00 ? 275 LEU A HG   1 
ATOM 574 H HD11 . LEU A 1 37 ? 5.656   -0.257  3.426   1.00 0.00 ? 275 LEU A HD11 1 
ATOM 575 H HD12 . LEU A 1 37 ? 6.568   -1.653  3.988   1.00 0.00 ? 275 LEU A HD12 1 
ATOM 576 H HD13 . LEU A 1 37 ? 5.025   -1.882  3.165   1.00 0.00 ? 275 LEU A HD13 1 
ATOM 577 H HD21 . LEU A 1 37 ? 6.169   0.214   0.492   1.00 0.00 ? 275 LEU A HD21 1 
ATOM 578 H HD22 . LEU A 1 37 ? 4.767   -0.654  1.117   1.00 0.00 ? 275 LEU A HD22 1 
ATOM 579 H HD23 . LEU A 1 37 ? 5.807   -1.409  -0.089  1.00 0.00 ? 275 LEU A HD23 1 
ATOM 580 N N    . ASN A 1 38 ? 11.264  -1.171  3.401   1.00 0.00 ? 276 ASN A N    1 
ATOM 581 C CA   . ASN A 1 38 ? 12.543  -0.535  3.556   1.00 0.00 ? 276 ASN A CA   1 
ATOM 582 C C    . ASN A 1 38 ? 13.108  0.021   2.256   1.00 0.00 ? 276 ASN A C    1 
ATOM 583 O O    . ASN A 1 38 ? 13.885  -0.613  1.545   1.00 0.00 ? 276 ASN A O    1 
ATOM 584 C CB   . ASN A 1 38 ? 13.496  -1.554  4.154   1.00 0.00 ? 276 ASN A CB   1 
ATOM 585 C CG   . ASN A 1 38 ? 14.403  -0.961  5.214   1.00 0.00 ? 276 ASN A CG   1 
ATOM 586 O OD1  . ASN A 1 38 ? 15.479  -0.447  4.909   1.00 0.00 ? 276 ASN A OD1  1 
ATOM 587 N ND2  . ASN A 1 38 ? 13.972  -1.031  6.468   1.00 0.00 ? 276 ASN A ND2  1 
ATOM 588 H H    . ASN A 1 38 ? 11.029  -1.828  4.089   1.00 0.00 ? 276 ASN A H    1 
ATOM 589 H HA   . ASN A 1 38 ? 12.407  0.270   4.254   1.00 0.00 ? 276 ASN A HA   1 
ATOM 590 H HB2  . ASN A 1 38 ? 12.904  -2.344  4.601   1.00 0.00 ? 276 ASN A HB2  1 
ATOM 591 H HB3  . ASN A 1 38 ? 14.103  -1.969  3.365   1.00 0.00 ? 276 ASN A HB3  1 
ATOM 592 H HD21 . ASN A 1 38 ? 13.106  -1.454  6.637   1.00 0.00 ? 276 ASN A HD21 1 
ATOM 593 H HD22 . ASN A 1 38 ? 14.540  -0.655  7.173   1.00 0.00 ? 276 ASN A HD22 1 
ATOM 594 N N    . TRP A 1 39 ? 12.704  1.251   2.026   1.00 0.00 ? 277 TRP A N    1 
ATOM 595 C CA   . TRP A 1 39 ? 13.103  2.057   0.882   1.00 0.00 ? 277 TRP A CA   1 
ATOM 596 C C    . TRP A 1 39 ? 13.138  3.497   1.342   1.00 0.00 ? 277 TRP A C    1 
ATOM 597 O O    . TRP A 1 39 ? 12.981  3.764   2.534   1.00 0.00 ? 277 TRP A O    1 
ATOM 598 C CB   . TRP A 1 39 ? 12.126  1.958   -0.288  1.00 0.00 ? 277 TRP A CB   1 
ATOM 599 C CG   . TRP A 1 39 ? 11.454  0.645   -0.490  1.00 0.00 ? 277 TRP A CG   1 
ATOM 600 C CD1  . TRP A 1 39 ? 11.967  -0.614  -0.389  1.00 0.00 ? 277 TRP A CD1  1 
ATOM 601 C CD2  . TRP A 1 39 ? 10.099  0.501   -0.856  1.00 0.00 ? 277 TRP A CD2  1 
ATOM 602 N NE1  . TRP A 1 39 ? 10.972  -1.541  -0.638  1.00 0.00 ? 277 TRP A NE1  1 
ATOM 603 C CE2  . TRP A 1 39 ? 9.816   -0.867  -0.940  1.00 0.00 ? 277 TRP A CE2  1 
ATOM 604 C CE3  . TRP A 1 39 ? 9.099   1.420   -1.110  1.00 0.00 ? 277 TRP A CE3  1 
ATOM 605 C CZ2  . TRP A 1 39 ? 8.550   -1.335  -1.273  1.00 0.00 ? 277 TRP A CZ2  1 
ATOM 606 C CZ3  . TRP A 1 39 ? 7.845   0.964   -1.442  1.00 0.00 ? 277 TRP A CZ3  1 
ATOM 607 C CH2  . TRP A 1 39 ? 7.580   -0.402  -1.520  1.00 0.00 ? 277 TRP A CH2  1 
ATOM 608 H H    . TRP A 1 39 ? 12.100  1.637   2.701   1.00 0.00 ? 277 TRP A H    1 
ATOM 609 H HA   . TRP A 1 39 ? 14.085  1.752   0.566   1.00 0.00 ? 277 TRP A HA   1 
ATOM 610 H HB2  . TRP A 1 39 ? 11.337  2.675   -0.121  1.00 0.00 ? 277 TRP A HB2  1 
ATOM 611 H HB3  . TRP A 1 39 ? 12.645  2.211   -1.199  1.00 0.00 ? 277 TRP A HB3  1 
ATOM 612 H HD1  . TRP A 1 39 ? 12.989  -0.832  -0.133  1.00 0.00 ? 277 TRP A HD1  1 
ATOM 613 H HE1  . TRP A 1 39 ? 11.071  -2.521  -0.611  1.00 0.00 ? 277 TRP A HE1  1 
ATOM 614 H HE3  . TRP A 1 39 ? 9.300   2.479   -1.053  1.00 0.00 ? 277 TRP A HE3  1 
ATOM 615 H HZ2  . TRP A 1 39 ? 8.327   -2.386  -1.339  1.00 0.00 ? 277 TRP A HZ2  1 
ATOM 616 H HZ3  . TRP A 1 39 ? 7.051   1.667   -1.645  1.00 0.00 ? 277 TRP A HZ3  1 
ATOM 617 H HH2  . TRP A 1 39 ? 6.588   -0.712  -1.777  1.00 0.00 ? 277 TRP A HH2  1 
ATOM 618 N N    . ASP A 1 40 ? 13.272  4.440   0.423   1.00 0.00 ? 278 ASP A N    1 
ATOM 619 C CA   . ASP A 1 40 ? 13.234  5.839   0.806   1.00 0.00 ? 278 ASP A CA   1 
ATOM 620 C C    . ASP A 1 40 ? 11.795  6.184   1.154   1.00 0.00 ? 278 ASP A C    1 
ATOM 621 O O    . ASP A 1 40 ? 10.872  5.630   0.562   1.00 0.00 ? 278 ASP A O    1 
ATOM 622 C CB   . ASP A 1 40 ? 13.722  6.721   -0.342  1.00 0.00 ? 278 ASP A CB   1 
ATOM 623 C CG   . ASP A 1 40 ? 14.285  8.044   0.141   1.00 0.00 ? 278 ASP A CG   1 
ATOM 624 O OD1  . ASP A 1 40 ? 15.257  8.025   0.924   1.00 0.00 ? 278 ASP A OD1  1 
ATOM 625 O OD2  . ASP A 1 40 ? 13.752  9.099   -0.264  1.00 0.00 ? 278 ASP A OD2  1 
ATOM 626 H H    . ASP A 1 40 ? 13.330  4.232   -0.535  1.00 0.00 ? 278 ASP A H    1 
ATOM 627 H HA   . ASP A 1 40 ? 13.863  5.979   1.674   1.00 0.00 ? 278 ASP A HA   1 
ATOM 628 H HB2  . ASP A 1 40 ? 14.494  6.199   -0.887  1.00 0.00 ? 278 ASP A HB2  1 
ATOM 629 H HB3  . ASP A 1 40 ? 12.892  6.923   -1.005  1.00 0.00 ? 278 ASP A HB3  1 
ATOM 630 N N    . ILE A 1 41 ? 11.588  7.066   2.117   1.00 0.00 ? 279 ILE A N    1 
ATOM 631 C CA   . ILE A 1 41 ? 10.243  7.420   2.515   1.00 0.00 ? 279 ILE A CA   1 
ATOM 632 C C    . ILE A 1 41 ? 9.495   8.013   1.357   1.00 0.00 ? 279 ILE A C    1 
ATOM 633 O O    . ILE A 1 41 ? 8.369   7.617   1.066   1.00 0.00 ? 279 ILE A O    1 
ATOM 634 C CB   . ILE A 1 41 ? 10.241  8.386   3.698   1.00 0.00 ? 279 ILE A CB   1 
ATOM 635 C CG1  . ILE A 1 41 ? 8.811   8.776   4.082   1.00 0.00 ? 279 ILE A CG1  1 
ATOM 636 C CG2  . ILE A 1 41 ? 11.075  9.621   3.393   1.00 0.00 ? 279 ILE A CG2  1 
ATOM 637 C CD1  . ILE A 1 41 ? 8.648   9.106   5.550   1.00 0.00 ? 279 ILE A CD1  1 
ATOM 638 H H    . ILE A 1 41 ? 12.341  7.467   2.573   1.00 0.00 ? 279 ILE A H    1 
ATOM 639 H HA   . ILE A 1 41 ? 9.744   6.518   2.823   1.00 0.00 ? 279 ILE A HA   1 
ATOM 640 H HB   . ILE A 1 41 ? 10.692  7.864   4.514   1.00 0.00 ? 279 ILE A HB   1 
ATOM 641 H HG12 . ILE A 1 41 ? 8.516   9.644   3.514   1.00 0.00 ? 279 ILE A HG12 1 
ATOM 642 H HG13 . ILE A 1 41 ? 8.146   7.955   3.849   1.00 0.00 ? 279 ILE A HG13 1 
ATOM 643 H HG21 . ILE A 1 41 ? 12.055  9.321   3.053   1.00 0.00 ? 279 ILE A HG21 1 
ATOM 644 H HG22 . ILE A 1 41 ? 11.173  10.219  4.288   1.00 0.00 ? 279 ILE A HG22 1 
ATOM 645 H HG23 . ILE A 1 41 ? 10.590  10.202  2.624   1.00 0.00 ? 279 ILE A HG23 1 
ATOM 646 H HD11 . ILE A 1 41 ? 8.333   10.133  5.655   1.00 0.00 ? 279 ILE A HD11 1 
ATOM 647 H HD12 . ILE A 1 41 ? 9.591   8.965   6.057   1.00 0.00 ? 279 ILE A HD12 1 
ATOM 648 H HD13 . ILE A 1 41 ? 7.905   8.455   5.985   1.00 0.00 ? 279 ILE A HD13 1 
ATOM 649 N N    . LYS A 1 42 ? 10.127  8.953   0.677   1.00 0.00 ? 280 LYS A N    1 
ATOM 650 C CA   . LYS A 1 42 ? 9.497   9.564   -0.462  1.00 0.00 ? 280 LYS A CA   1 
ATOM 651 C C    . LYS A 1 42 ? 9.106   8.483   -1.462  1.00 0.00 ? 280 LYS A C    1 
ATOM 652 O O    . LYS A 1 42 ? 8.091   8.586   -2.151  1.00 0.00 ? 280 LYS A O    1 
ATOM 653 C CB   . LYS A 1 42 ? 10.426  10.590  -1.114  1.00 0.00 ? 280 LYS A CB   1 
ATOM 654 C CG   . LYS A 1 42 ? 9.800   11.316  -2.292  1.00 0.00 ? 280 LYS A CG   1 
ATOM 655 C CD   . LYS A 1 42 ? 10.854  11.993  -3.153  1.00 0.00 ? 280 LYS A CD   1 
ATOM 656 C CE   . LYS A 1 42 ? 11.258  11.118  -4.329  1.00 0.00 ? 280 LYS A CE   1 
ATOM 657 N NZ   . LYS A 1 42 ? 10.392  11.350  -5.518  1.00 0.00 ? 280 LYS A NZ   1 
ATOM 658 H H    . LYS A 1 42 ? 11.028  9.236   0.937   1.00 0.00 ? 280 LYS A H    1 
ATOM 659 H HA   . LYS A 1 42 ? 8.618   10.053  -0.102  1.00 0.00 ? 280 LYS A HA   1 
ATOM 660 H HB2  . LYS A 1 42 ? 10.708  11.324  -0.374  1.00 0.00 ? 280 LYS A HB2  1 
ATOM 661 H HB3  . LYS A 1 42 ? 11.315  10.083  -1.461  1.00 0.00 ? 280 LYS A HB3  1 
ATOM 662 H HG2  . LYS A 1 42 ? 9.260   10.602  -2.896  1.00 0.00 ? 280 LYS A HG2  1 
ATOM 663 H HG3  . LYS A 1 42 ? 9.117   12.065  -1.919  1.00 0.00 ? 280 LYS A HG3  1 
ATOM 664 H HD2  . LYS A 1 42 ? 10.455  12.922  -3.530  1.00 0.00 ? 280 LYS A HD2  1 
ATOM 665 H HD3  . LYS A 1 42 ? 11.726  12.191  -2.548  1.00 0.00 ? 280 LYS A HD3  1 
ATOM 666 H HE2  . LYS A 1 42 ? 12.281  11.340  -4.592  1.00 0.00 ? 280 LYS A HE2  1 
ATOM 667 H HE3  . LYS A 1 42 ? 11.179  10.082  -4.034  1.00 0.00 ? 280 LYS A HE3  1 
ATOM 668 H HZ1  . LYS A 1 42 ? 10.114  12.351  -5.567  1.00 0.00 ? 280 LYS A HZ1  1 
ATOM 669 H HZ2  . LYS A 1 42 ? 9.534   10.766  -5.455  1.00 0.00 ? 280 LYS A HZ2  1 
ATOM 670 H HZ3  . LYS A 1 42 ? 10.904  11.101  -6.388  1.00 0.00 ? 280 LYS A HZ3  1 
ATOM 671 N N    . LYS A 1 43 ? 9.932   7.442   -1.523  1.00 0.00 ? 281 LYS A N    1 
ATOM 672 C CA   . LYS A 1 43 ? 9.706   6.318   -2.419  1.00 0.00 ? 281 LYS A CA   1 
ATOM 673 C C    . LYS A 1 43 ? 8.655   5.346   -1.878  1.00 0.00 ? 281 LYS A C    1 
ATOM 674 O O    . LYS A 1 43 ? 7.792   4.880   -2.629  1.00 0.00 ? 281 LYS A O    1 
ATOM 675 C CB   . LYS A 1 43 ? 11.019  5.574   -2.666  1.00 0.00 ? 281 LYS A CB   1 
ATOM 676 C CG   . LYS A 1 43 ? 11.090  4.897   -4.025  1.00 0.00 ? 281 LYS A CG   1 
ATOM 677 C CD   . LYS A 1 43 ? 10.493  3.500   -3.984  1.00 0.00 ? 281 LYS A CD   1 
ATOM 678 C CE   . LYS A 1 43 ? 11.286  2.531   -4.848  1.00 0.00 ? 281 LYS A CE   1 
ATOM 679 N NZ   . LYS A 1 43 ? 10.547  1.257   -5.075  1.00 0.00 ? 281 LYS A NZ   1 
ATOM 680 H H    . LYS A 1 43 ? 10.719  7.429   -0.939  1.00 0.00 ? 281 LYS A H    1 
ATOM 681 H HA   . LYS A 1 43 ? 9.355   6.716   -3.359  1.00 0.00 ? 281 LYS A HA   1 
ATOM 682 H HB2  . LYS A 1 43 ? 11.836  6.275   -2.594  1.00 0.00 ? 281 LYS A HB2  1 
ATOM 683 H HB3  . LYS A 1 43 ? 11.138  4.817   -1.905  1.00 0.00 ? 281 LYS A HB3  1 
ATOM 684 H HG2  . LYS A 1 43 ? 10.540  5.491   -4.741  1.00 0.00 ? 281 LYS A HG2  1 
ATOM 685 H HG3  . LYS A 1 43 ? 12.124  4.829   -4.329  1.00 0.00 ? 281 LYS A HG3  1 
ATOM 686 H HD2  . LYS A 1 43 ? 10.501  3.145   -2.964  1.00 0.00 ? 281 LYS A HD2  1 
ATOM 687 H HD3  . LYS A 1 43 ? 9.477   3.542   -4.345  1.00 0.00 ? 281 LYS A HD3  1 
ATOM 688 H HE2  . LYS A 1 43 ? 11.484  2.997   -5.801  1.00 0.00 ? 281 LYS A HE2  1 
ATOM 689 H HE3  . LYS A 1 43 ? 12.221  2.312   -4.354  1.00 0.00 ? 281 LYS A HE3  1 
ATOM 690 H HZ1  . LYS A 1 43 ? 11.097  0.633   -5.700  1.00 0.00 ? 281 LYS A HZ1  1 
ATOM 691 H HZ2  . LYS A 1 43 ? 9.628   1.453   -5.519  1.00 0.00 ? 281 LYS A HZ2  1 
ATOM 692 H HZ3  . LYS A 1 43 ? 10.386  0.771   -4.170  1.00 0.00 ? 281 LYS A HZ3  1 
ATOM 693 N N    . THR A 1 44 ? 8.722   5.021   -0.582  1.00 0.00 ? 282 THR A N    1 
ATOM 694 C CA   . THR A 1 44 ? 7.766   4.085   -0.004  1.00 0.00 ? 282 THR A CA   1 
ATOM 695 C C    . THR A 1 44 ? 6.417   4.748   0.168   1.00 0.00 ? 282 THR A C    1 
ATOM 696 O O    . THR A 1 44 ? 5.378   4.097   0.045   1.00 0.00 ? 282 THR A O    1 
ATOM 697 C CB   . THR A 1 44 ? 8.278   3.538   1.327   1.00 0.00 ? 282 THR A CB   1 
ATOM 698 O OG1  . THR A 1 44 ? 7.345   2.637   1.889   1.00 0.00 ? 282 THR A OG1  1 
ATOM 699 C CG2  . THR A 1 44 ? 8.559   4.607   2.353   1.00 0.00 ? 282 THR A CG2  1 
ATOM 700 H H    . THR A 1 44 ? 9.423   5.415   0.002   1.00 0.00 ? 282 THR A H    1 
ATOM 701 H HA   . THR A 1 44 ? 7.650   3.254   -0.699  1.00 0.00 ? 282 THR A HA   1 
ATOM 702 H HB   . THR A 1 44 ? 9.200   3.001   1.150   1.00 0.00 ? 282 THR A HB   1 
ATOM 703 H HG1  . THR A 1 44 ? 7.767   2.139   2.593   1.00 0.00 ? 282 THR A HG1  1 
ATOM 704 H HG21 . THR A 1 44 ? 8.060   4.362   3.277   1.00 0.00 ? 282 THR A HG21 1 
ATOM 705 H HG22 . THR A 1 44 ? 8.200   5.559   1.990   1.00 0.00 ? 282 THR A HG22 1 
ATOM 706 H HG23 . THR A 1 44 ? 9.624   4.666   2.525   1.00 0.00 ? 282 THR A HG23 1 
ATOM 707 N N    . GLU A 1 45 ? 6.421   6.051   0.426   1.00 0.00 ? 283 GLU A N    1 
ATOM 708 C CA   . GLU A 1 45 ? 5.181   6.778   0.580   1.00 0.00 ? 283 GLU A CA   1 
ATOM 709 C C    . GLU A 1 45 ? 4.494   6.908   -0.771  1.00 0.00 ? 283 GLU A C    1 
ATOM 710 O O    . GLU A 1 45 ? 3.269   6.898   -0.855  1.00 0.00 ? 283 GLU A O    1 
ATOM 711 C CB   . GLU A 1 45 ? 5.434   8.161   1.183   1.00 0.00 ? 283 GLU A CB   1 
ATOM 712 C CG   . GLU A 1 45 ? 4.306   8.652   2.075   1.00 0.00 ? 283 GLU A CG   1 
ATOM 713 C CD   . GLU A 1 45 ? 3.160   9.256   1.287   1.00 0.00 ? 283 GLU A CD   1 
ATOM 714 O OE1  . GLU A 1 45 ? 3.431   10.012  0.330   1.00 0.00 ? 283 GLU A OE1  1 
ATOM 715 O OE2  . GLU A 1 45 ? 1.992   8.973   1.627   1.00 0.00 ? 283 GLU A OE2  1 
ATOM 716 H H    . GLU A 1 45 ? 7.260   6.552   0.492   1.00 0.00 ? 283 GLU A H    1 
ATOM 717 H HA   . GLU A 1 45 ? 4.551   6.211   1.244   1.00 0.00 ? 283 GLU A HA   1 
ATOM 718 H HB2  . GLU A 1 45 ? 6.338   8.125   1.771   1.00 0.00 ? 283 GLU A HB2  1 
ATOM 719 H HB3  . GLU A 1 45 ? 5.565   8.873   0.381   1.00 0.00 ? 283 GLU A HB3  1 
ATOM 720 H HG2  . GLU A 1 45 ? 3.927   7.818   2.647   1.00 0.00 ? 283 GLU A HG2  1 
ATOM 721 H HG3  . GLU A 1 45 ? 4.696   9.401   2.747   1.00 0.00 ? 283 GLU A HG3  1 
ATOM 722 N N    . THR A 1 46 ? 5.297   7.029   -1.828  1.00 0.00 ? 284 THR A N    1 
ATOM 723 C CA   . THR A 1 46 ? 4.772   7.154   -3.182  1.00 0.00 ? 284 THR A CA   1 
ATOM 724 C C    . THR A 1 46 ? 4.036   5.881   -3.587  1.00 0.00 ? 284 THR A C    1 
ATOM 725 O O    . THR A 1 46 ? 2.971   5.940   -4.202  1.00 0.00 ? 284 THR A O    1 
ATOM 726 C CB   . THR A 1 46 ? 5.904   7.451   -4.171  1.00 0.00 ? 284 THR A CB   1 
ATOM 727 O OG1  . THR A 1 46 ? 6.442   8.740   -3.941  1.00 0.00 ? 284 THR A OG1  1 
ATOM 728 C CG2  . THR A 1 46 ? 5.472   7.392   -5.623  1.00 0.00 ? 284 THR A CG2  1 
ATOM 729 H H    . THR A 1 46 ? 6.268   7.036   -1.693  1.00 0.00 ? 284 THR A H    1 
ATOM 730 H HA   . THR A 1 46 ? 4.072   7.977   -3.190  1.00 0.00 ? 284 THR A HA   1 
ATOM 731 H HB   . THR A 1 46 ? 6.691   6.724   -4.030  1.00 0.00 ? 284 THR A HB   1 
ATOM 732 H HG1  . THR A 1 46 ? 7.385   8.730   -4.121  1.00 0.00 ? 284 THR A HG1  1 
ATOM 733 H HG21 . THR A 1 46 ? 4.496   7.843   -5.725  1.00 0.00 ? 284 THR A HG21 1 
ATOM 734 H HG22 . THR A 1 46 ? 5.429   6.362   -5.944  1.00 0.00 ? 284 THR A HG22 1 
ATOM 735 H HG23 . THR A 1 46 ? 6.183   7.931   -6.232  1.00 0.00 ? 284 THR A HG23 1 
ATOM 736 N N    . VAL A 1 47 ? 4.592   4.729   -3.215  1.00 0.00 ? 285 VAL A N    1 
ATOM 737 C CA   . VAL A 1 47 ? 3.959   3.457   -3.522  1.00 0.00 ? 285 VAL A CA   1 
ATOM 738 C C    . VAL A 1 47 ? 2.636   3.382   -2.781  1.00 0.00 ? 285 VAL A C    1 
ATOM 739 O O    . VAL A 1 47 ? 1.645   2.862   -3.292  1.00 0.00 ? 285 VAL A O    1 
ATOM 740 C CB   . VAL A 1 47 ? 4.849   2.263   -3.118  1.00 0.00 ? 285 VAL A CB   1 
ATOM 741 C CG1  . VAL A 1 47 ? 4.137   0.943   -3.380  1.00 0.00 ? 285 VAL A CG1  1 
ATOM 742 C CG2  . VAL A 1 47 ? 6.176   2.314   -3.861  1.00 0.00 ? 285 VAL A CG2  1 
ATOM 743 H H    . VAL A 1 47 ? 5.427   4.738   -2.703  1.00 0.00 ? 285 VAL A H    1 
ATOM 744 H HA   . VAL A 1 47 ? 3.777   3.409   -4.587  1.00 0.00 ? 285 VAL A HA   1 
ATOM 745 H HB   . VAL A 1 47 ? 5.052   2.333   -2.059  1.00 0.00 ? 285 VAL A HB   1 
ATOM 746 H HG11 . VAL A 1 47 ? 4.796   0.123   -3.133  1.00 0.00 ? 285 VAL A HG11 1 
ATOM 747 H HG12 . VAL A 1 47 ? 3.864   0.883   -4.423  1.00 0.00 ? 285 VAL A HG12 1 
ATOM 748 H HG13 . VAL A 1 47 ? 3.248   0.887   -2.770  1.00 0.00 ? 285 VAL A HG13 1 
ATOM 749 H HG21 . VAL A 1 47 ? 6.623   1.332   -3.866  1.00 0.00 ? 285 VAL A HG21 1 
ATOM 750 H HG22 . VAL A 1 47 ? 6.837   3.010   -3.368  1.00 0.00 ? 285 VAL A HG22 1 
ATOM 751 H HG23 . VAL A 1 47 ? 6.006   2.637   -4.877  1.00 0.00 ? 285 VAL A HG23 1 
ATOM 752 N N    . GLN A 1 48 ? 2.634   3.937   -1.573  1.00 0.00 ? 286 GLN A N    1 
ATOM 753 C CA   . GLN A 1 48 ? 1.441   3.973   -0.752  1.00 0.00 ? 286 GLN A CA   1 
ATOM 754 C C    . GLN A 1 48 ? 0.473   5.045   -1.258  1.00 0.00 ? 286 GLN A C    1 
ATOM 755 O O    . GLN A 1 48 ? -0.745  4.890   -1.169  1.00 0.00 ? 286 GLN A O    1 
ATOM 756 C CB   . GLN A 1 48 ? 1.809   4.237   0.713   1.00 0.00 ? 286 GLN A CB   1 
ATOM 757 C CG   . GLN A 1 48 ? 0.619   4.590   1.593   1.00 0.00 ? 286 GLN A CG   1 
ATOM 758 C CD   . GLN A 1 48 ? 0.569   3.769   2.866   1.00 0.00 ? 286 GLN A CD   1 
ATOM 759 O OE1  . GLN A 1 48 ? 0.634   4.311   3.970   1.00 0.00 ? 286 GLN A OE1  1 
ATOM 760 N NE2  . GLN A 1 48 ? 0.453   2.455   2.720   1.00 0.00 ? 286 GLN A NE2  1 
ATOM 761 H H    . GLN A 1 48 ? 3.456   4.351   -1.236  1.00 0.00 ? 286 GLN A H    1 
ATOM 762 H HA   . GLN A 1 48 ? 0.972   3.010   -0.830  1.00 0.00 ? 286 GLN A HA   1 
ATOM 763 H HB2  . GLN A 1 48 ? 2.278   3.352   1.117   1.00 0.00 ? 286 GLN A HB2  1 
ATOM 764 H HB3  . GLN A 1 48 ? 2.513   5.055   0.752   1.00 0.00 ? 286 GLN A HB3  1 
ATOM 765 H HG2  . GLN A 1 48 ? 0.681   5.634   1.859   1.00 0.00 ? 286 GLN A HG2  1 
ATOM 766 H HG3  . GLN A 1 48 ? -0.289  4.415   1.034   1.00 0.00 ? 286 GLN A HG3  1 
ATOM 767 H HE21 . GLN A 1 48 ? 0.406   2.093   1.810   1.00 0.00 ? 286 GLN A HE21 1 
ATOM 768 H HE22 . GLN A 1 48 ? 0.417   1.900   3.526   1.00 0.00 ? 286 GLN A HE22 1 
ATOM 769 N N    . GLU A 1 49 ? 1.030   6.133   -1.785  1.00 0.00 ? 287 GLU A N    1 
ATOM 770 C CA   . GLU A 1 49 ? 0.230   7.238   -2.306  1.00 0.00 ? 287 GLU A CA   1 
ATOM 771 C C    . GLU A 1 49 ? -0.555  6.793   -3.529  1.00 0.00 ? 287 GLU A C    1 
ATOM 772 O O    . GLU A 1 49 ? -1.704  7.191   -3.726  1.00 0.00 ? 287 GLU A O    1 
ATOM 773 C CB   . GLU A 1 49 ? 1.130   8.426   -2.659  1.00 0.00 ? 287 GLU A CB   1 
ATOM 774 C CG   . GLU A 1 49 ? 0.700   9.730   -2.007  1.00 0.00 ? 287 GLU A CG   1 
ATOM 775 C CD   . GLU A 1 49 ? -0.336  10.477  -2.824  1.00 0.00 ? 287 GLU A CD   1 
ATOM 776 O OE1  . GLU A 1 49 ? -0.136  10.617  -4.049  1.00 0.00 ? 287 GLU A OE1  1 
ATOM 777 O OE2  . GLU A 1 49 ? -1.345  10.921  -2.239  1.00 0.00 ? 287 GLU A OE2  1 
ATOM 778 H H    . GLU A 1 49 ? 2.005   6.192   -1.827  1.00 0.00 ? 287 GLU A H    1 
ATOM 779 H HA   . GLU A 1 49 ? -0.463  7.538   -1.535  1.00 0.00 ? 287 GLU A HA   1 
ATOM 780 H HB2  . GLU A 1 49 ? 2.139   8.206   -2.342  1.00 0.00 ? 287 GLU A HB2  1 
ATOM 781 H HB3  . GLU A 1 49 ? 1.122   8.565   -3.730  1.00 0.00 ? 287 GLU A HB3  1 
ATOM 782 H HG2  . GLU A 1 49 ? 0.280   9.510   -1.037  1.00 0.00 ? 287 GLU A HG2  1 
ATOM 783 H HG3  . GLU A 1 49 ? 1.569   10.361  -1.888  1.00 0.00 ? 287 GLU A HG3  1 
ATOM 784 N N    . ALA A 1 50 ? 0.063   5.936   -4.330  1.00 0.00 ? 288 ALA A N    1 
ATOM 785 C CA   . ALA A 1 50 ? -0.588  5.405   -5.513  1.00 0.00 ? 288 ALA A CA   1 
ATOM 786 C C    . ALA A 1 50 ? -1.653  4.410   -5.087  1.00 0.00 ? 288 ALA A C    1 
ATOM 787 O O    . ALA A 1 50 ? -2.733  4.334   -5.674  1.00 0.00 ? 288 ALA A O    1 
ATOM 788 C CB   . ALA A 1 50 ? 0.428   4.746   -6.435  1.00 0.00 ? 288 ALA A CB   1 
ATOM 789 H H    . ALA A 1 50 ? 0.965   5.634   -4.094  1.00 0.00 ? 288 ALA A H    1 
ATOM 790 H HA   . ALA A 1 50 ? -1.056  6.224   -6.041  1.00 0.00 ? 288 ALA A HA   1 
ATOM 791 H HB1  . ALA A 1 50 ? 0.874   5.494   -7.073  1.00 0.00 ? 288 ALA A HB1  1 
ATOM 792 H HB2  . ALA A 1 50 ? -0.066  4.003   -7.043  1.00 0.00 ? 288 ALA A HB2  1 
ATOM 793 H HB3  . ALA A 1 50 ? 1.197   4.273   -5.842  1.00 0.00 ? 288 ALA A HB3  1 
ATOM 794 N N    . CYS A 1 51 ? -1.329  3.650   -4.045  1.00 0.00 ? 289 CYS A N    1 
ATOM 795 C CA   . CYS A 1 51 ? -2.225  2.647   -3.495  1.00 0.00 ? 289 CYS A CA   1 
ATOM 796 C C    . CYS A 1 51 ? -3.571  3.254   -3.097  1.00 0.00 ? 289 CYS A C    1 
ATOM 797 O O    . CYS A 1 51 ? -4.623  2.654   -3.318  1.00 0.00 ? 289 CYS A O    1 
ATOM 798 C CB   . CYS A 1 51 ? -1.543  1.991   -2.282  1.00 0.00 ? 289 CYS A CB   1 
ATOM 799 S SG   . CYS A 1 51 ? -2.236  2.434   -0.664  1.00 0.00 ? 289 CYS A SG   1 
ATOM 800 H H    . CYS A 1 51 ? -0.452  3.755   -3.621  1.00 0.00 ? 289 CYS A H    1 
ATOM 801 H HA   . CYS A 1 51 ? -2.390  1.893   -4.249  1.00 0.00 ? 289 CYS A HA   1 
ATOM 802 H HB2  . CYS A 1 51 ? -1.604  0.924   -2.380  1.00 0.00 ? 289 CYS A HB2  1 
ATOM 803 H HB3  . CYS A 1 51 ? -0.502  2.280   -2.276  1.00 0.00 ? 289 CYS A HB3  1 
ATOM 804 H HG   . CYS A 1 51 ? -1.789  3.226   -0.357  1.00 0.00 ? 289 CYS A HG   1 
ATOM 805 N N    . GLU A 1 52 ? -3.530  4.448   -2.510  1.00 0.00 ? 290 GLU A N    1 
ATOM 806 C CA   . GLU A 1 52 ? -4.744  5.134   -2.084  1.00 0.00 ? 290 GLU A CA   1 
ATOM 807 C C    . GLU A 1 52 ? -5.529  5.657   -3.280  1.00 0.00 ? 290 GLU A C    1 
ATOM 808 O O    . GLU A 1 52 ? -6.744  5.475   -3.368  1.00 0.00 ? 290 GLU A O    1 
ATOM 809 C CB   . GLU A 1 52 ? -4.397  6.290   -1.144  1.00 0.00 ? 290 GLU A CB   1 
ATOM 810 C CG   . GLU A 1 52 ? -4.051  5.844   0.266   1.00 0.00 ? 290 GLU A CG   1 
ATOM 811 C CD   . GLU A 1 52 ? -3.691  7.004   1.174   1.00 0.00 ? 290 GLU A CD   1 
ATOM 812 O OE1  . GLU A 1 52 ? -4.608  7.563   1.814   1.00 0.00 ? 290 GLU A OE1  1 
ATOM 813 O OE2  . GLU A 1 52 ? -2.495  7.354   1.245   1.00 0.00 ? 290 GLU A OE2  1 
ATOM 814 H H    . GLU A 1 52 ? -2.669  4.893   -2.369  1.00 0.00 ? 290 GLU A H    1 
ATOM 815 H HA   . GLU A 1 52 ? -5.357  4.423   -1.551  1.00 0.00 ? 290 GLU A HA   1 
ATOM 816 H HB2  . GLU A 1 52 ? -3.551  6.825   -1.547  1.00 0.00 ? 290 GLU A HB2  1 
ATOM 817 H HB3  . GLU A 1 52 ? -5.242  6.961   -1.088  1.00 0.00 ? 290 GLU A HB3  1 
ATOM 818 H HG2  . GLU A 1 52 ? -4.902  5.328   0.687   1.00 0.00 ? 290 GLU A HG2  1 
ATOM 819 H HG3  . GLU A 1 52 ? -3.209  5.168   0.220   1.00 0.00 ? 290 GLU A HG3  1 
ATOM 820 N N    . ARG A 1 53 ? -4.827  6.311   -4.201  1.00 0.00 ? 291 ARG A N    1 
ATOM 821 C CA   . ARG A 1 53 ? -5.462  6.865   -5.392  1.00 0.00 ? 291 ARG A CA   1 
ATOM 822 C C    . ARG A 1 53 ? -6.301  5.806   -6.098  1.00 0.00 ? 291 ARG A C    1 
ATOM 823 O O    . ARG A 1 53 ? -7.348  6.108   -6.675  1.00 0.00 ? 291 ARG A O    1 
ATOM 824 C CB   . ARG A 1 53 ? -4.404  7.418   -6.349  1.00 0.00 ? 291 ARG A CB   1 
ATOM 825 C CG   . ARG A 1 53 ? -4.823  8.704   -7.043  1.00 0.00 ? 291 ARG A CG   1 
ATOM 826 C CD   . ARG A 1 53 ? -4.504  9.926   -6.196  1.00 0.00 ? 291 ARG A CD   1 
ATOM 827 N NE   . ARG A 1 53 ? -3.909  11.001  -6.987  1.00 0.00 ? 291 ARG A NE   1 
ATOM 828 C CZ   . ARG A 1 53 ? -3.326  12.075  -6.460  1.00 0.00 ? 291 ARG A CZ   1 
ATOM 829 N NH1  . ARG A 1 53 ? -3.257  12.221  -5.142  1.00 0.00 ? 291 ARG A NH1  1 
ATOM 830 N NH2  . ARG A 1 53 ? -2.809  13.004  -7.252  1.00 0.00 ? 291 ARG A NH2  1 
ATOM 831 H H    . ARG A 1 53 ? -3.862  6.428   -4.074  1.00 0.00 ? 291 ARG A H    1 
ATOM 832 H HA   . ARG A 1 53 ? -6.109  7.670   -5.079  1.00 0.00 ? 291 ARG A HA   1 
ATOM 833 H HB2  . ARG A 1 53 ? -3.499  7.614   -5.792  1.00 0.00 ? 291 ARG A HB2  1 
ATOM 834 H HB3  . ARG A 1 53 ? -4.196  6.676   -7.106  1.00 0.00 ? 291 ARG A HB3  1 
ATOM 835 H HG2  . ARG A 1 53 ? -4.296  8.783   -7.982  1.00 0.00 ? 291 ARG A HG2  1 
ATOM 836 H HG3  . ARG A 1 53 ? -5.887  8.672   -7.226  1.00 0.00 ? 291 ARG A HG3  1 
ATOM 837 H HD2  . ARG A 1 53 ? -5.418  10.286  -5.748  1.00 0.00 ? 291 ARG A HD2  1 
ATOM 838 H HD3  . ARG A 1 53 ? -3.811  9.639   -5.418  1.00 0.00 ? 291 ARG A HD3  1 
ATOM 839 H HE   . ARG A 1 53 ? -3.947  10.918  -7.963  1.00 0.00 ? 291 ARG A HE   1 
ATOM 840 H HH11 . ARG A 1 53 ? -3.644  11.524  -4.539  1.00 0.00 ? 291 ARG A HH11 1 
ATOM 841 H HH12 . ARG A 1 53 ? -2.816  13.030  -4.753  1.00 0.00 ? 291 ARG A HH12 1 
ATOM 842 H HH21 . ARG A 1 53 ? -2.858  12.898  -8.245  1.00 0.00 ? 291 ARG A HH21 1 
ATOM 843 H HH22 . ARG A 1 53 ? -2.370  13.811  -6.856  1.00 0.00 ? 291 ARG A HH22 1 
ATOM 844 N N    . GLU A 1 54 ? -5.856  4.557   -6.017  1.00 0.00 ? 292 GLU A N    1 
ATOM 845 C CA   . GLU A 1 54 ? -6.586  3.454   -6.622  1.00 0.00 ? 292 GLU A CA   1 
ATOM 846 C C    . GLU A 1 54 ? -7.770  3.072   -5.746  1.00 0.00 ? 292 GLU A C    1 
ATOM 847 O O    . GLU A 1 54 ? -8.844  2.736   -6.243  1.00 0.00 ? 292 GLU A O    1 
ATOM 848 C CB   . GLU A 1 54 ? -5.666  2.250   -6.831  1.00 0.00 ? 292 GLU A CB   1 
ATOM 849 C CG   . GLU A 1 54 ? -5.709  1.697   -8.246  1.00 0.00 ? 292 GLU A CG   1 
ATOM 850 C CD   . GLU A 1 54 ? -4.548  2.176   -9.094  1.00 0.00 ? 292 GLU A CD   1 
ATOM 851 O OE1  . GLU A 1 54 ? -3.393  2.076   -8.629  1.00 0.00 ? 292 GLU A OE1  1 
ATOM 852 O OE2  . GLU A 1 54 ? -4.793  2.651   -10.223 1.00 0.00 ? 292 GLU A OE2  1 
ATOM 853 H H    . GLU A 1 54 ? -5.040  4.364   -5.507  1.00 0.00 ? 292 GLU A H    1 
ATOM 854 H HA   . GLU A 1 54 ? -6.953  3.787   -7.579  1.00 0.00 ? 292 GLU A HA   1 
ATOM 855 H HB2  . GLU A 1 54 ? -4.651  2.545   -6.611  1.00 0.00 ? 292 GLU A HB2  1 
ATOM 856 H HB3  . GLU A 1 54 ? -5.959  1.464   -6.151  1.00 0.00 ? 292 GLU A HB3  1 
ATOM 857 H HG2  . GLU A 1 54 ? -5.680  0.619   -8.199  1.00 0.00 ? 292 GLU A HG2  1 
ATOM 858 H HG3  . GLU A 1 54 ? -6.631  2.011   -8.713  1.00 0.00 ? 292 GLU A HG3  1 
ATOM 859 N N    . LEU A 1 55 ? -7.558  3.117   -4.433  1.00 0.00 ? 293 LEU A N    1 
ATOM 860 C CA   . LEU A 1 55 ? -8.597  2.768   -3.472  1.00 0.00 ? 293 LEU A CA   1 
ATOM 861 C C    . LEU A 1 55 ? -9.906  3.494   -3.771  1.00 0.00 ? 293 LEU A C    1 
ATOM 862 O O    . LEU A 1 55 ? -10.956 2.861   -3.884  1.00 0.00 ? 293 LEU A O    1 
ATOM 863 C CB   . LEU A 1 55 ? -8.135  3.091   -2.048  1.00 0.00 ? 293 LEU A CB   1 
ATOM 864 C CG   . LEU A 1 55 ? -9.179  2.853   -0.954  1.00 0.00 ? 293 LEU A CG   1 
ATOM 865 C CD1  . LEU A 1 55 ? -9.737  1.441   -1.041  1.00 0.00 ? 293 LEU A CD1  1 
ATOM 866 C CD2  . LEU A 1 55 ? -8.576  3.104   0.420   1.00 0.00 ? 293 LEU A CD2  1 
ATOM 867 H H    . LEU A 1 55 ? -6.673  3.377   -4.100  1.00 0.00 ? 293 LEU A H    1 
ATOM 868 H HA   . LEU A 1 55 ? -8.769  1.705   -3.549  1.00 0.00 ? 293 LEU A HA   1 
ATOM 869 H HB2  . LEU A 1 55 ? -7.268  2.485   -1.828  1.00 0.00 ? 293 LEU A HB2  1 
ATOM 870 H HB3  . LEU A 1 55 ? -7.844  4.130   -2.014  1.00 0.00 ? 293 LEU A HB3  1 
ATOM 871 H HG   . LEU A 1 55 ? -9.998  3.543   -1.091  1.00 0.00 ? 293 LEU A HG   1 
ATOM 872 H HD11 . LEU A 1 55 ? -9.958  1.203   -2.071  1.00 0.00 ? 293 LEU A HD11 1 
ATOM 873 H HD12 . LEU A 1 55 ? -10.642 1.374   -0.455  1.00 0.00 ? 293 LEU A HD12 1 
ATOM 874 H HD13 . LEU A 1 55 ? -9.008  0.742   -0.659  1.00 0.00 ? 293 LEU A HD13 1 
ATOM 875 H HD21 . LEU A 1 55 ? -8.735  4.135   0.700   1.00 0.00 ? 293 LEU A HD21 1 
ATOM 876 H HD22 . LEU A 1 55 ? -7.515  2.899   0.391   1.00 0.00 ? 293 LEU A HD22 1 
ATOM 877 H HD23 . LEU A 1 55 ? -9.048  2.456   1.144   1.00 0.00 ? 293 LEU A HD23 1 
ATOM 878 N N    . ALA A 1 56 ? -9.852  4.820   -3.893  1.00 0.00 ? 294 ALA A N    1 
ATOM 879 C CA   . ALA A 1 56 ? -11.050 5.603   -4.171  1.00 0.00 ? 294 ALA A CA   1 
ATOM 880 C C    . ALA A 1 56 ? -11.456 5.506   -5.638  1.00 0.00 ? 294 ALA A C    1 
ATOM 881 O O    . ALA A 1 56 ? -12.643 5.541   -5.962  1.00 0.00 ? 294 ALA A O    1 
ATOM 882 C CB   . ALA A 1 56 ? -10.830 7.056   -3.775  1.00 0.00 ? 294 ALA A CB   1 
ATOM 883 H H    . ALA A 1 56 ? -9.003  5.298   -3.793  1.00 0.00 ? 294 ALA A H    1 
ATOM 884 H HA   . ALA A 1 56 ? -11.851 5.209   -3.562  1.00 0.00 ? 294 ALA A HA   1 
ATOM 885 H HB1  . ALA A 1 56 ? -11.599 7.361   -3.081  1.00 0.00 ? 294 ALA A HB1  1 
ATOM 886 H HB2  . ALA A 1 56 ? -10.870 7.682   -4.655  1.00 0.00 ? 294 ALA A HB2  1 
ATOM 887 H HB3  . ALA A 1 56 ? -9.862  7.158   -3.306  1.00 0.00 ? 294 ALA A HB3  1 
ATOM 888 N N    . LEU A 1 57 ? -10.472 5.371   -6.524  1.00 0.00 ? 295 LEU A N    1 
ATOM 889 C CA   . LEU A 1 57 ? -10.760 5.257   -7.950  1.00 0.00 ? 295 LEU A CA   1 
ATOM 890 C C    . LEU A 1 57 ? -11.605 4.014   -8.213  1.00 0.00 ? 295 LEU A C    1 
ATOM 891 O O    . LEU A 1 57 ? -12.564 4.048   -8.984  1.00 0.00 ? 295 LEU A O    1 
ATOM 892 C CB   . LEU A 1 57 ? -9.462  5.190   -8.758  1.00 0.00 ? 295 LEU A CB   1 
ATOM 893 C CG   . LEU A 1 57 ? -9.616  5.485   -10.254 1.00 0.00 ? 295 LEU A CG   1 
ATOM 894 C CD1  . LEU A 1 57 ? -9.054  6.859   -10.589 1.00 0.00 ? 295 LEU A CD1  1 
ATOM 895 C CD2  . LEU A 1 57 ? -8.931  4.411   -11.084 1.00 0.00 ? 295 LEU A CD2  1 
ATOM 896 H H    . LEU A 1 57 ? -9.540  5.334   -6.212  1.00 0.00 ? 295 LEU A H    1 
ATOM 897 H HA   . LEU A 1 57 ? -11.319 6.131   -8.249  1.00 0.00 ? 295 LEU A HA   1 
ATOM 898 H HB2  . LEU A 1 57 ? -8.767  5.903   -8.340  1.00 0.00 ? 295 LEU A HB2  1 
ATOM 899 H HB3  . LEU A 1 57 ? -9.045  4.200   -8.649  1.00 0.00 ? 295 LEU A HB3  1 
ATOM 900 H HG   . LEU A 1 57 ? -10.666 5.485   -10.506 1.00 0.00 ? 295 LEU A HG   1 
ATOM 901 H HD11 . LEU A 1 57 ? -9.692  7.341   -11.315 1.00 0.00 ? 295 LEU A HD11 1 
ATOM 902 H HD12 . LEU A 1 57 ? -8.060  6.752   -10.997 1.00 0.00 ? 295 LEU A HD12 1 
ATOM 903 H HD13 . LEU A 1 57 ? -9.012  7.460   -9.692  1.00 0.00 ? 295 LEU A HD13 1 
ATOM 904 H HD21 . LEU A 1 57 ? -8.887  3.491   -10.520 1.00 0.00 ? 295 LEU A HD21 1 
ATOM 905 H HD22 . LEU A 1 57 ? -7.928  4.730   -11.330 1.00 0.00 ? 295 LEU A HD22 1 
ATOM 906 H HD23 . LEU A 1 57 ? -9.489  4.248   -11.994 1.00 0.00 ? 295 LEU A HD23 1 
ATOM 907 N N    . ARG A 1 58 ? -11.239 2.923   -7.552  1.00 0.00 ? 296 ARG A N    1 
ATOM 908 C CA   . ARG A 1 58 ? -11.952 1.659   -7.689  1.00 0.00 ? 296 ARG A CA   1 
ATOM 909 C C    . ARG A 1 58 ? -13.275 1.693   -6.927  1.00 0.00 ? 296 ARG A C    1 
ATOM 910 O O    . ARG A 1 58 ? -14.229 1.004   -7.288  1.00 0.00 ? 296 ARG A O    1 
ATOM 911 C CB   . ARG A 1 58 ? -11.088 0.504   -7.181  1.00 0.00 ? 296 ARG A CB   1 
ATOM 912 C CG   . ARG A 1 58 ? -11.220 -0.765  -8.008  1.00 0.00 ? 296 ARG A CG   1 
ATOM 913 C CD   . ARG A 1 58 ? -12.661 -1.242  -8.071  1.00 0.00 ? 296 ARG A CD   1 
ATOM 914 N NE   . ARG A 1 58 ? -13.228 -1.448  -6.740  1.00 0.00 ? 296 ARG A NE   1 
ATOM 915 C CZ   . ARG A 1 58 ? -14.529 -1.602  -6.504  1.00 0.00 ? 296 ARG A CZ   1 
ATOM 916 N NH1  . ARG A 1 58 ? -15.400 -1.571  -7.504  1.00 0.00 ? 296 ARG A NH1  1 
ATOM 917 N NH2  . ARG A 1 58 ? -14.960 -1.787  -5.263  1.00 0.00 ? 296 ARG A NH2  1 
ATOM 918 H H    . ARG A 1 58 ? -10.467 2.974   -6.951  1.00 0.00 ? 296 ARG A H    1 
ATOM 919 H HA   . ARG A 1 58 ? -12.160 1.508   -8.738  1.00 0.00 ? 296 ARG A HA   1 
ATOM 920 H HB2  . ARG A 1 58 ? -10.053 0.811   -7.195  1.00 0.00 ? 296 ARG A HB2  1 
ATOM 921 H HB3  . ARG A 1 58 ? -11.372 0.277   -6.165  1.00 0.00 ? 296 ARG A HB3  1 
ATOM 922 H HG2  . ARG A 1 58 ? -10.873 -0.567  -9.011  1.00 0.00 ? 296 ARG A HG2  1 
ATOM 923 H HG3  . ARG A 1 58 ? -10.613 -1.538  -7.561  1.00 0.00 ? 296 ARG A HG3  1 
ATOM 924 H HD2  . ARG A 1 58 ? -13.249 -0.503  -8.593  1.00 0.00 ? 296 ARG A HD2  1 
ATOM 925 H HD3  . ARG A 1 58 ? -12.694 -2.176  -8.614  1.00 0.00 ? 296 ARG A HD3  1 
ATOM 926 H HE   . ARG A 1 58 ? -12.607 -1.474  -5.983  1.00 0.00 ? 296 ARG A HE   1 
ATOM 927 H HH11 . ARG A 1 58 ? -15.083 -1.432  -8.442  1.00 0.00 ? 296 ARG A HH11 1 
ATOM 928 H HH12 . ARG A 1 58 ? -16.376 -1.687  -7.320  1.00 0.00 ? 296 ARG A HH12 1 
ATOM 929 H HH21 . ARG A 1 58 ? -14.307 -1.810  -4.506  1.00 0.00 ? 296 ARG A HH21 1 
ATOM 930 H HH22 . ARG A 1 58 ? -15.937 -1.902  -5.085  1.00 0.00 ? 296 ARG A HH22 1 
ATOM 931 N N    . LEU A 1 59 ? -13.326 2.501   -5.871  1.00 0.00 ? 297 LEU A N    1 
ATOM 932 C CA   . LEU A 1 59 ? -14.531 2.627   -5.060  1.00 0.00 ? 297 LEU A CA   1 
ATOM 933 C C    . LEU A 1 59 ? -15.595 3.445   -5.789  1.00 0.00 ? 297 LEU A C    1 
ATOM 934 O O    . LEU A 1 59 ? -16.785 3.138   -5.718  1.00 0.00 ? 297 LEU A O    1 
ATOM 935 C CB   . LEU A 1 59 ? -14.187 3.268   -3.709  1.00 0.00 ? 297 LEU A CB   1 
ATOM 936 C CG   . LEU A 1 59 ? -15.294 4.111   -3.072  1.00 0.00 ? 297 LEU A CG   1 
ATOM 937 C CD1  . LEU A 1 59 ? -16.533 3.265   -2.817  1.00 0.00 ? 297 LEU A CD1  1 
ATOM 938 C CD2  . LEU A 1 59 ? -14.805 4.747   -1.780  1.00 0.00 ? 297 LEU A CD2  1 
ATOM 939 H H    . LEU A 1 59 ? -12.541 3.036   -5.637  1.00 0.00 ? 297 LEU A H    1 
ATOM 940 H HA   . LEU A 1 59 ? -14.917 1.633   -4.888  1.00 0.00 ? 297 LEU A HA   1 
ATOM 941 H HB2  . LEU A 1 59 ? -13.926 2.478   -3.018  1.00 0.00 ? 297 LEU A HB2  1 
ATOM 942 H HB3  . LEU A 1 59 ? -13.322 3.899   -3.847  1.00 0.00 ? 297 LEU A HB3  1 
ATOM 943 H HG   . LEU A 1 59 ? -15.567 4.904   -3.754  1.00 0.00 ? 297 LEU A HG   1 
ATOM 944 H HD11 . LEU A 1 59 ? -16.503 2.386   -3.444  1.00 0.00 ? 297 LEU A HD11 1 
ATOM 945 H HD12 . LEU A 1 59 ? -17.416 3.842   -3.045  1.00 0.00 ? 297 LEU A HD12 1 
ATOM 946 H HD13 . LEU A 1 59 ? -16.556 2.966   -1.779  1.00 0.00 ? 297 LEU A HD13 1 
ATOM 947 H HD21 . LEU A 1 59 ? -15.102 4.135   -0.941  1.00 0.00 ? 297 LEU A HD21 1 
ATOM 948 H HD22 . LEU A 1 59 ? -15.235 5.732   -1.677  1.00 0.00 ? 297 LEU A HD22 1 
ATOM 949 H HD23 . LEU A 1 59 ? -13.728 4.825   -1.803  1.00 0.00 ? 297 LEU A HD23 1 
ATOM 950 N N    . GLN A 1 60 ? -15.159 4.491   -6.484  1.00 0.00 ? 298 GLN A N    1 
ATOM 951 C CA   . GLN A 1 60 ? -16.075 5.358   -7.220  1.00 0.00 ? 298 GLN A CA   1 
ATOM 952 C C    . GLN A 1 60 ? -16.489 4.732   -8.552  1.00 0.00 ? 298 GLN A C    1 
ATOM 953 O O    . GLN A 1 60 ? -17.444 5.180   -9.185  1.00 0.00 ? 298 GLN A O    1 
ATOM 954 C CB   . GLN A 1 60 ? -15.427 6.722   -7.467  1.00 0.00 ? 298 GLN A CB   1 
ATOM 955 C CG   . GLN A 1 60 ? -15.023 7.442   -6.191  1.00 0.00 ? 298 GLN A CG   1 
ATOM 956 C CD   . GLN A 1 60 ? -16.030 8.495   -5.771  1.00 0.00 ? 298 GLN A CD   1 
ATOM 957 O OE1  . GLN A 1 60 ? -16.805 8.990   -6.589  1.00 0.00 ? 298 GLN A OE1  1 
ATOM 958 N NE2  . GLN A 1 60 ? -16.023 8.842   -4.490  1.00 0.00 ? 298 GLN A NE2  1 
ATOM 959 H H    . GLN A 1 60 ? -14.200 4.689   -6.498  1.00 0.00 ? 298 GLN A H    1 
ATOM 960 H HA   . GLN A 1 60 ? -16.957 5.495   -6.614  1.00 0.00 ? 298 GLN A HA   1 
ATOM 961 H HB2  . GLN A 1 60 ? -14.545 6.584   -8.073  1.00 0.00 ? 298 GLN A HB2  1 
ATOM 962 H HB3  . GLN A 1 60 ? -16.126 7.347   -8.002  1.00 0.00 ? 298 GLN A HB3  1 
ATOM 963 H HG2  . GLN A 1 60 ? -14.930 6.717   -5.397  1.00 0.00 ? 298 GLN A HG2  1 
ATOM 964 H HG3  . GLN A 1 60 ? -14.067 7.922   -6.352  1.00 0.00 ? 298 GLN A HG3  1 
ATOM 965 H HE21 . GLN A 1 60 ? -15.378 8.404   -3.895  1.00 0.00 ? 298 GLN A HE21 1 
ATOM 966 H HE22 . GLN A 1 60 ? -16.664 9.520   -4.190  1.00 0.00 ? 298 GLN A HE22 1 
ATOM 967 N N    . GLN A 1 61 ? -15.761 3.703   -8.977  1.00 0.00 ? 299 GLN A N    1 
ATOM 968 C CA   . GLN A 1 61 ? -16.053 3.030   -10.239 1.00 0.00 ? 299 GLN A CA   1 
ATOM 969 C C    . GLN A 1 61 ? -17.441 2.393   -10.226 1.00 0.00 ? 299 GLN A C    1 
ATOM 970 O O    . GLN A 1 61 ? -18.047 2.190   -11.278 1.00 0.00 ? 299 GLN A O    1 
ATOM 971 C CB   . GLN A 1 61 ? -14.993 1.964   -10.524 1.00 0.00 ? 299 GLN A CB   1 
ATOM 972 C CG   . GLN A 1 61 ? -13.884 2.442   -11.447 1.00 0.00 ? 299 GLN A CG   1 
ATOM 973 C CD   . GLN A 1 61 ? -13.594 1.464   -12.569 1.00 0.00 ? 299 GLN A CD   1 
ATOM 974 O OE1  . GLN A 1 61 ? -14.470 1.147   -13.373 1.00 0.00 ? 299 GLN A OE1  1 
ATOM 975 N NE2  . GLN A 1 61 ? -12.358 0.979   -12.627 1.00 0.00 ? 299 GLN A NE2  1 
ATOM 976 H H    . GLN A 1 61 ? -15.007 3.393   -8.435  1.00 0.00 ? 299 GLN A H    1 
ATOM 977 H HA   . GLN A 1 61 ? -16.021 3.772   -11.022 1.00 0.00 ? 299 GLN A HA   1 
ATOM 978 H HB2  . GLN A 1 61 ? -14.548 1.657   -9.590  1.00 0.00 ? 299 GLN A HB2  1 
ATOM 979 H HB3  . GLN A 1 61 ? -15.471 1.111   -10.984 1.00 0.00 ? 299 GLN A HB3  1 
ATOM 980 H HG2  . GLN A 1 61 ? -14.176 3.387   -11.881 1.00 0.00 ? 299 GLN A HG2  1 
ATOM 981 H HG3  . GLN A 1 61 ? -12.983 2.578   -10.866 1.00 0.00 ? 299 GLN A HG3  1 
ATOM 982 H HE21 . GLN A 1 61 ? -11.713 1.277   -11.952 1.00 0.00 ? 299 GLN A HE21 1 
ATOM 983 H HE22 . GLN A 1 61 ? -12.144 0.345   -13.342 1.00 0.00 ? 299 GLN A HE22 1 
ATOM 984 N N    . THR A 1 62 ? -17.941 2.071   -9.036  1.00 0.00 ? 300 THR A N    1 
ATOM 985 C CA   . THR A 1 62 ? -19.255 1.449   -8.909  1.00 0.00 ? 300 THR A CA   1 
ATOM 986 C C    . THR A 1 62 ? -20.354 2.496   -8.743  1.00 0.00 ? 300 THR A C    1 
ATOM 987 O O    . THR A 1 62 ? -21.423 2.385   -9.343  1.00 0.00 ? 300 THR A O    1 
ATOM 988 C CB   . THR A 1 62 ? -19.273 0.478   -7.725  1.00 0.00 ? 300 THR A CB   1 
ATOM 989 O OG1  . THR A 1 62 ? -20.468 -0.284  -7.719  1.00 0.00 ? 300 THR A OG1  1 
ATOM 990 C CG2  . THR A 1 62 ? -19.161 1.161   -6.379  1.00 0.00 ? 300 THR A CG2  1 
ATOM 991 H H    . THR A 1 62 ? -17.414 2.248   -8.230  1.00 0.00 ? 300 THR A H    1 
ATOM 992 H HA   . THR A 1 62 ? -19.443 0.893   -9.815  1.00 0.00 ? 300 THR A HA   1 
ATOM 993 H HB   . THR A 1 62 ? -18.439 -0.203  -7.820  1.00 0.00 ? 300 THR A HB   1 
ATOM 994 H HG1  . THR A 1 62 ? -20.541 -0.771  -8.543  1.00 0.00 ? 300 THR A HG1  1 
ATOM 995 H HG21 . THR A 1 62 ? -18.748 0.473   -5.658  1.00 0.00 ? 300 THR A HG21 1 
ATOM 996 H HG22 . THR A 1 62 ? -20.140 1.480   -6.055  1.00 0.00 ? 300 THR A HG22 1 
ATOM 997 H HG23 . THR A 1 62 ? -18.513 2.021   -6.466  1.00 0.00 ? 300 THR A HG23 1 
# 
